data_3MSQ
#
_entry.id   3MSQ
#
_cell.length_a   81.720
_cell.length_b   82.030
_cell.length_c   187.640
_cell.angle_alpha   90.000
_cell.angle_beta   90.000
_cell.angle_gamma   90.000
#
_symmetry.space_group_name_H-M   'P 2 2 21'
#
_entity_poly.entity_id   1
_entity_poly.type   'polypeptide(L)'
_entity_poly.pdbx_seq_one_letter_code
;G(MSE)ENVITYNNDKGLLAYIQFLASSAQKIGDGNTDRVFDFEDALDQTQ(MSE)AQLAVDELKKIPEVNALFSERWLP
APFNLDDLAKLPEGTLGHVYARE(MSE)KARGFDPYFYKKVPVVDDISYLK(MSE)LWRSTHDIYHVVAGFDTNVFGEIG
LQAFFLAQTPIPISV(MSE)LLSFG(MSE)V(MSE)ISLYQPTNFKAL(MSE)TEISRGYRVGSHTPGKLIAQKWDQLWD
VQVSEIRERLGVNSIL
;
_entity_poly.pdbx_strand_id   A,B,C,D
#
# COMPACT_ATOMS: atom_id res chain seq x y z
N THR A 7 -18.81 -5.67 7.07
CA THR A 7 -18.15 -4.74 6.14
C THR A 7 -17.09 -5.42 5.20
N TYR A 8 -16.61 -6.66 5.57
CA TYR A 8 -15.59 -7.43 4.83
C TYR A 8 -16.09 -8.81 4.41
N ASN A 9 -15.69 -9.29 3.22
CA ASN A 9 -16.05 -10.65 2.80
C ASN A 9 -14.89 -11.62 3.00
N ASN A 10 -14.85 -12.24 4.19
CA ASN A 10 -13.82 -13.20 4.58
C ASN A 10 -14.01 -14.55 3.90
N ASP A 11 -15.25 -14.96 3.64
CA ASP A 11 -15.58 -16.22 2.96
C ASP A 11 -14.95 -16.30 1.58
N LYS A 12 -14.83 -15.15 0.89
CA LYS A 12 -14.18 -15.07 -0.42
C LYS A 12 -12.64 -15.26 -0.30
N GLY A 13 -12.10 -14.94 0.87
CA GLY A 13 -10.71 -15.18 1.17
C GLY A 13 -10.46 -16.67 1.28
N LEU A 14 -11.36 -17.39 1.96
CA LEU A 14 -11.29 -18.85 2.09
C LEU A 14 -11.44 -19.53 0.72
N LEU A 15 -12.35 -19.02 -0.11
CA LEU A 15 -12.57 -19.52 -1.46
C LEU A 15 -11.31 -19.36 -2.30
N ALA A 16 -10.61 -18.22 -2.11
CA ALA A 16 -9.36 -17.90 -2.82
C ALA A 16 -8.23 -18.87 -2.43
N TYR A 17 -8.18 -19.26 -1.14
CA TYR A 17 -7.18 -20.16 -0.58
C TYR A 17 -7.44 -21.57 -1.10
N ILE A 18 -8.72 -21.99 -1.13
CA ILE A 18 -9.14 -23.30 -1.66
C ILE A 18 -8.77 -23.39 -3.16
N GLN A 19 -9.01 -22.29 -3.90
CA GLN A 19 -8.68 -22.15 -5.32
C GLN A 19 -7.15 -22.36 -5.49
N PHE A 20 -6.36 -21.61 -4.66
CA PHE A 20 -4.91 -21.66 -4.66
C PHE A 20 -4.36 -23.08 -4.37
N LEU A 21 -4.87 -23.74 -3.31
CA LEU A 21 -4.43 -25.08 -2.96
C LEU A 21 -4.69 -26.04 -4.11
N ALA A 22 -5.93 -26.01 -4.65
CA ALA A 22 -6.38 -26.91 -5.71
C ALA A 22 -5.67 -26.72 -7.03
N SER A 23 -5.35 -25.46 -7.42
CA SER A 23 -4.65 -25.20 -8.68
C SER A 23 -3.22 -25.68 -8.57
N SER A 24 -2.63 -25.50 -7.37
CA SER A 24 -1.27 -25.92 -7.02
C SER A 24 -1.09 -27.43 -6.91
N ALA A 25 -2.15 -28.22 -7.17
CA ALA A 25 -2.11 -29.67 -7.15
C ALA A 25 -2.20 -30.26 -8.58
N GLN A 26 -1.96 -29.45 -9.62
CA GLN A 26 -2.04 -29.93 -11.01
C GLN A 26 -0.69 -30.22 -11.69
N GLY A 31 2.84 -18.36 -15.63
CA GLY A 31 1.92 -19.38 -15.15
C GLY A 31 1.73 -19.40 -13.64
N ASN A 32 2.76 -19.92 -12.91
CA ASN A 32 2.78 -20.04 -11.45
C ASN A 32 2.88 -18.67 -10.74
N THR A 33 3.48 -17.65 -11.41
CA THR A 33 3.66 -16.30 -10.87
C THR A 33 2.32 -15.57 -10.73
N ASP A 34 1.45 -15.65 -11.77
CA ASP A 34 0.12 -15.02 -11.80
C ASP A 34 -0.92 -15.64 -10.86
N ARG A 35 -0.73 -16.90 -10.43
CA ARG A 35 -1.62 -17.58 -9.49
C ARG A 35 -1.56 -16.94 -8.11
N VAL A 36 -0.36 -16.46 -7.71
CA VAL A 36 -0.09 -15.80 -6.43
C VAL A 36 -0.68 -14.40 -6.43
N PHE A 37 -0.55 -13.67 -7.56
CA PHE A 37 -1.11 -12.35 -7.72
C PHE A 37 -2.63 -12.36 -7.63
N ASP A 38 -3.30 -13.33 -8.30
CA ASP A 38 -4.75 -13.50 -8.28
C ASP A 38 -5.22 -13.75 -6.85
N PHE A 39 -4.47 -14.55 -6.08
CA PHE A 39 -4.75 -14.90 -4.69
C PHE A 39 -4.62 -13.67 -3.79
N GLU A 40 -3.47 -12.98 -3.90
CA GLU A 40 -3.12 -11.74 -3.18
C GLU A 40 -4.27 -10.75 -3.31
N ASP A 41 -4.78 -10.57 -4.54
CA ASP A 41 -5.88 -9.67 -4.91
C ASP A 41 -7.18 -10.05 -4.19
N ALA A 42 -7.46 -11.36 -4.10
CA ALA A 42 -8.67 -11.88 -3.46
C ALA A 42 -8.67 -11.66 -1.94
N LEU A 43 -7.48 -11.42 -1.34
CA LEU A 43 -7.37 -11.19 0.09
C LEU A 43 -7.59 -9.73 0.45
N ASP A 44 -7.60 -8.82 -0.53
CA ASP A 44 -7.80 -7.38 -0.29
C ASP A 44 -9.15 -7.04 0.34
N GLN A 45 -10.15 -7.89 0.09
CA GLN A 45 -11.53 -7.73 0.57
C GLN A 45 -11.71 -8.21 2.02
N THR A 46 -10.73 -8.98 2.55
CA THR A 46 -10.76 -9.52 3.92
C THR A 46 -10.47 -8.45 4.99
N GLN A 47 -10.78 -8.78 6.25
CA GLN A 47 -10.54 -7.94 7.41
C GLN A 47 -9.04 -7.87 7.75
N ALA A 49 -6.59 -7.81 5.70
CA ALA A 49 -5.98 -6.85 4.78
C ALA A 49 -5.93 -5.47 5.44
N GLN A 50 -7.08 -4.99 5.97
CA GLN A 50 -7.19 -3.71 6.64
C GLN A 50 -6.40 -3.66 7.95
N LEU A 51 -6.47 -4.73 8.74
CA LEU A 51 -5.80 -4.85 10.02
C LEU A 51 -4.28 -4.79 9.85
N ALA A 52 -3.73 -5.47 8.80
CA ALA A 52 -2.30 -5.45 8.44
C ALA A 52 -1.85 -4.01 8.18
N VAL A 53 -2.65 -3.26 7.41
CA VAL A 53 -2.39 -1.86 7.10
C VAL A 53 -2.44 -1.03 8.41
N ASP A 54 -3.47 -1.23 9.25
CA ASP A 54 -3.63 -0.56 10.54
C ASP A 54 -2.45 -0.78 11.49
N GLU A 55 -1.91 -2.00 11.52
CA GLU A 55 -0.79 -2.35 12.37
C GLU A 55 0.58 -1.85 11.85
N LEU A 56 0.78 -1.86 10.52
CA LEU A 56 2.00 -1.38 9.87
C LEU A 56 2.14 0.11 10.07
N LYS A 57 1.02 0.86 9.89
CA LYS A 57 0.93 2.31 10.10
C LYS A 57 1.19 2.74 11.57
N LYS A 58 1.31 1.76 12.51
CA LYS A 58 1.64 1.97 13.93
C LYS A 58 3.18 2.00 14.15
N ILE A 59 3.96 1.55 13.16
CA ILE A 59 5.42 1.64 13.20
C ILE A 59 5.80 2.90 12.42
N PRO A 60 6.46 3.89 13.09
CA PRO A 60 6.76 5.18 12.44
C PRO A 60 7.48 5.17 11.09
N GLU A 61 8.54 4.37 10.94
CA GLU A 61 9.33 4.30 9.70
C GLU A 61 8.50 3.82 8.49
N VAL A 62 7.55 2.92 8.76
CA VAL A 62 6.61 2.31 7.82
C VAL A 62 5.55 3.38 7.48
N ASN A 63 4.91 3.94 8.53
CA ASN A 63 3.93 5.01 8.40
C ASN A 63 4.44 6.20 7.55
N ALA A 64 5.77 6.41 7.52
CA ALA A 64 6.43 7.43 6.70
C ALA A 64 6.25 7.07 5.21
N LEU A 65 6.51 5.79 4.82
CA LEU A 65 6.33 5.33 3.45
C LEU A 65 4.86 5.38 3.05
N PHE A 66 3.95 5.10 4.00
CA PHE A 66 2.52 5.16 3.70
C PHE A 66 2.10 6.60 3.37
N SER A 67 2.72 7.58 4.04
CA SER A 67 2.49 9.04 3.86
C SER A 67 2.97 9.52 2.51
N GLU A 68 4.17 9.06 2.08
CA GLU A 68 4.77 9.42 0.79
C GLU A 68 4.25 8.57 -0.38
N ARG A 69 3.68 7.36 -0.09
CA ARG A 69 3.25 6.35 -1.06
C ARG A 69 4.47 6.03 -1.91
N TRP A 70 5.61 5.85 -1.20
CA TRP A 70 6.94 5.58 -1.71
C TRP A 70 6.99 4.29 -2.48
N LEU A 71 7.60 4.33 -3.67
CA LEU A 71 7.83 3.15 -4.50
C LEU A 71 9.22 3.30 -5.08
N PRO A 72 10.00 2.21 -5.29
CA PRO A 72 11.38 2.37 -5.76
C PRO A 72 11.52 2.92 -7.17
N ALA A 73 12.56 3.76 -7.37
CA ALA A 73 12.90 4.40 -8.64
C ALA A 73 13.28 3.33 -9.68
N PRO A 74 13.07 3.57 -10.99
CA PRO A 74 13.43 2.54 -11.96
C PRO A 74 14.95 2.37 -12.05
N PHE A 75 15.38 1.14 -12.36
CA PHE A 75 16.77 0.76 -12.47
C PHE A 75 17.05 -0.07 -13.70
N ASN A 76 18.25 0.05 -14.26
CA ASN A 76 18.70 -0.77 -15.37
C ASN A 76 19.61 -1.85 -14.74
N LEU A 77 19.25 -3.15 -14.88
CA LEU A 77 20.03 -4.27 -14.30
C LEU A 77 21.50 -4.24 -14.64
N ASP A 78 21.84 -3.79 -15.86
CA ASP A 78 23.21 -3.69 -16.35
C ASP A 78 24.04 -2.66 -15.59
N ASP A 79 23.41 -1.55 -15.18
CA ASP A 79 24.05 -0.47 -14.42
C ASP A 79 24.26 -0.85 -12.95
N LEU A 80 23.35 -1.67 -12.38
CA LEU A 80 23.43 -2.19 -11.01
C LEU A 80 24.60 -3.16 -10.91
N ALA A 81 24.77 -4.03 -11.95
CA ALA A 81 25.85 -5.01 -12.06
C ALA A 81 27.21 -4.35 -12.09
N LYS A 82 27.27 -3.10 -12.61
CA LYS A 82 28.51 -2.33 -12.73
C LYS A 82 28.99 -1.68 -11.41
N LEU A 83 28.23 -1.85 -10.31
CA LEU A 83 28.52 -1.34 -8.96
C LEU A 83 29.59 -2.22 -8.27
N PRO A 84 30.24 -1.76 -7.14
CA PRO A 84 31.26 -2.61 -6.47
C PRO A 84 30.82 -4.02 -6.06
N GLU A 85 31.78 -4.90 -5.77
CA GLU A 85 31.58 -6.31 -5.45
C GLU A 85 30.49 -6.75 -4.47
N GLY A 86 30.51 -6.26 -3.24
CA GLY A 86 29.55 -6.74 -2.26
C GLY A 86 28.27 -5.95 -2.06
N THR A 87 28.07 -4.89 -2.86
CA THR A 87 26.90 -3.99 -2.77
C THR A 87 25.60 -4.69 -3.19
N LEU A 88 24.46 -4.20 -2.68
CA LEU A 88 23.10 -4.71 -2.93
C LEU A 88 22.79 -4.79 -4.43
N GLY A 89 23.17 -3.75 -5.17
CA GLY A 89 22.98 -3.65 -6.61
C GLY A 89 23.65 -4.79 -7.36
N HIS A 90 24.95 -4.99 -7.12
CA HIS A 90 25.77 -6.02 -7.73
C HIS A 90 25.24 -7.43 -7.47
N VAL A 91 24.95 -7.78 -6.20
CA VAL A 91 24.46 -9.10 -5.79
C VAL A 91 23.12 -9.43 -6.47
N TYR A 92 22.16 -8.47 -6.43
CA TYR A 92 20.82 -8.58 -7.03
C TYR A 92 20.89 -8.81 -8.53
N ALA A 93 21.64 -7.95 -9.25
CA ALA A 93 21.83 -8.02 -10.70
C ALA A 93 22.49 -9.32 -11.15
N ARG A 94 23.58 -9.74 -10.45
CA ARG A 94 24.32 -10.98 -10.76
C ARG A 94 23.41 -12.21 -10.71
N GLU A 95 22.51 -12.28 -9.70
CA GLU A 95 21.58 -13.39 -9.59
C GLU A 95 20.29 -13.26 -10.41
N LYS A 97 20.44 -12.06 -13.65
CA LYS A 97 20.98 -12.49 -14.94
C LYS A 97 21.10 -14.00 -14.98
N ALA A 98 21.34 -14.62 -13.81
CA ALA A 98 21.45 -16.08 -13.63
C ALA A 98 20.06 -16.75 -13.61
N ARG A 99 18.99 -16.02 -13.21
CA ARG A 99 17.61 -16.52 -13.13
C ARG A 99 16.66 -15.68 -14.01
N PHE A 105 8.24 -6.79 -14.49
CA PHE A 105 8.64 -8.03 -13.80
C PHE A 105 7.50 -8.69 -12.97
N TYR A 106 6.39 -7.93 -12.74
CA TYR A 106 5.22 -8.30 -11.93
C TYR A 106 3.93 -7.64 -12.44
N LYS A 107 2.78 -7.95 -11.80
CA LYS A 107 1.46 -7.43 -12.12
C LYS A 107 1.25 -6.05 -11.47
N LYS A 108 1.16 -4.98 -12.30
CA LYS A 108 0.98 -3.61 -11.84
C LYS A 108 -0.52 -3.26 -11.65
N VAL A 109 -0.84 -2.56 -10.55
CA VAL A 109 -2.18 -2.14 -10.13
C VAL A 109 -2.14 -0.61 -9.83
N PRO A 110 -3.20 0.16 -10.12
CA PRO A 110 -3.17 1.59 -9.78
C PRO A 110 -3.31 1.82 -8.28
N VAL A 111 -2.36 2.59 -7.66
CA VAL A 111 -2.37 2.87 -6.22
C VAL A 111 -3.51 3.87 -5.93
N VAL A 112 -4.55 3.33 -5.31
CA VAL A 112 -5.82 4.00 -5.05
C VAL A 112 -6.10 4.20 -3.55
N ASP A 113 -5.51 3.34 -2.69
CA ASP A 113 -5.68 3.37 -1.23
C ASP A 113 -4.50 2.70 -0.51
N ASP A 114 -4.57 2.52 0.83
CA ASP A 114 -3.45 1.92 1.55
C ASP A 114 -3.23 0.44 1.22
N ILE A 115 -4.32 -0.35 0.96
CA ILE A 115 -4.20 -1.77 0.60
C ILE A 115 -3.54 -1.94 -0.80
N SER A 116 -3.98 -1.15 -1.82
CA SER A 116 -3.36 -1.19 -3.14
C SER A 116 -1.93 -0.64 -3.06
N TYR A 117 -1.69 0.31 -2.13
CA TYR A 117 -0.33 0.79 -1.91
C TYR A 117 0.60 -0.34 -1.38
N LEU A 118 0.23 -0.99 -0.27
CA LEU A 118 1.02 -2.05 0.35
C LEU A 118 1.28 -3.19 -0.62
N LYS A 119 0.32 -3.49 -1.51
CA LYS A 119 0.44 -4.52 -2.52
C LYS A 119 1.56 -4.15 -3.48
N LEU A 121 4.02 -1.77 -2.95
CA LEU A 121 5.28 -1.73 -2.22
C LEU A 121 5.91 -3.15 -2.09
N TRP A 122 5.08 -4.12 -1.74
CA TRP A 122 5.42 -5.52 -1.58
C TRP A 122 5.99 -6.12 -2.89
N ARG A 123 5.23 -5.97 -4.01
CA ARG A 123 5.62 -6.48 -5.32
C ARG A 123 6.88 -5.84 -5.87
N SER A 124 7.04 -4.51 -5.72
CA SER A 124 8.21 -3.75 -6.20
C SER A 124 9.48 -4.10 -5.48
N THR A 125 9.36 -4.44 -4.18
CA THR A 125 10.53 -4.64 -3.33
C THR A 125 10.82 -6.04 -2.84
N HIS A 126 9.80 -6.91 -2.68
CA HIS A 126 9.99 -8.24 -2.09
C HIS A 126 11.07 -9.16 -2.69
N ASP A 127 11.40 -8.99 -3.97
CA ASP A 127 12.46 -9.80 -4.60
C ASP A 127 13.88 -9.41 -4.10
N ILE A 128 14.02 -8.24 -3.47
CA ILE A 128 15.28 -7.73 -2.91
C ILE A 128 15.47 -8.40 -1.52
N TYR A 129 14.38 -8.56 -0.75
CA TYR A 129 14.33 -9.11 0.61
C TYR A 129 15.23 -10.31 0.84
N HIS A 130 15.09 -11.38 0.03
CA HIS A 130 15.87 -12.61 0.18
C HIS A 130 17.41 -12.41 0.16
N VAL A 131 17.93 -11.41 -0.59
CA VAL A 131 19.38 -11.16 -0.63
C VAL A 131 19.92 -10.60 0.70
N VAL A 132 19.16 -9.68 1.35
CA VAL A 132 19.47 -9.06 2.64
C VAL A 132 19.21 -10.07 3.76
N ALA A 133 18.03 -10.75 3.72
CA ALA A 133 17.61 -11.76 4.69
C ALA A 133 18.45 -13.06 4.65
N GLY A 134 19.04 -13.36 3.48
CA GLY A 134 19.86 -14.56 3.30
C GLY A 134 19.07 -15.86 3.15
N PHE A 135 18.19 -15.92 2.12
CA PHE A 135 17.37 -17.09 1.76
C PHE A 135 17.52 -17.39 0.28
N ASP A 136 17.40 -18.67 -0.12
CA ASP A 136 17.53 -19.06 -1.52
C ASP A 136 16.30 -18.67 -2.34
N THR A 137 16.45 -18.67 -3.68
CA THR A 137 15.39 -18.34 -4.63
C THR A 137 14.44 -19.53 -4.82
N ASN A 138 14.84 -20.74 -4.33
CA ASN A 138 14.06 -21.97 -4.39
C ASN A 138 12.80 -21.91 -3.52
N VAL A 139 11.95 -22.96 -3.59
CA VAL A 139 10.69 -23.09 -2.87
C VAL A 139 10.86 -22.91 -1.34
N PHE A 140 11.82 -23.62 -0.74
CA PHE A 140 12.05 -23.57 0.69
C PHE A 140 12.59 -22.23 1.14
N GLY A 141 13.45 -21.63 0.30
CA GLY A 141 14.02 -20.31 0.52
C GLY A 141 12.93 -19.24 0.55
N GLU A 142 11.93 -19.38 -0.35
CA GLU A 142 10.79 -18.46 -0.39
C GLU A 142 9.88 -18.60 0.84
N ILE A 143 9.57 -19.85 1.27
CA ILE A 143 8.76 -20.13 2.48
C ILE A 143 9.48 -19.69 3.76
N GLY A 144 10.79 -19.85 3.78
CA GLY A 144 11.64 -19.38 4.87
C GLY A 144 11.58 -17.86 4.97
N LEU A 145 11.69 -17.14 3.82
CA LEU A 145 11.63 -15.67 3.75
C LEU A 145 10.29 -15.16 4.26
N GLN A 146 9.18 -15.87 3.91
CA GLN A 146 7.83 -15.47 4.36
C GLN A 146 7.71 -15.57 5.87
N ALA A 147 8.41 -16.53 6.47
CA ALA A 147 8.43 -16.76 7.91
C ALA A 147 9.18 -15.63 8.58
N PHE A 148 10.27 -15.17 7.96
CA PHE A 148 11.08 -14.02 8.40
C PHE A 148 10.19 -12.75 8.37
N PHE A 149 9.41 -12.56 7.27
CA PHE A 149 8.51 -11.43 7.03
C PHE A 149 7.32 -11.39 8.01
N LEU A 150 6.72 -12.59 8.28
CA LEU A 150 5.61 -12.78 9.25
C LEU A 150 6.09 -12.47 10.69
N ALA A 151 7.37 -12.80 11.00
CA ALA A 151 7.96 -12.53 12.31
C ALA A 151 8.10 -11.04 12.58
N GLN A 152 8.39 -10.25 11.52
CA GLN A 152 8.61 -8.81 11.55
C GLN A 152 7.33 -7.99 11.42
N THR A 153 6.66 -8.11 10.27
CA THR A 153 5.46 -7.36 9.87
C THR A 153 4.43 -8.27 9.19
N PRO A 154 3.49 -8.89 9.97
CA PRO A 154 2.52 -9.83 9.34
C PRO A 154 1.51 -9.21 8.37
N ILE A 155 1.43 -9.76 7.16
CA ILE A 155 0.46 -9.38 6.12
C ILE A 155 -0.28 -10.64 5.64
N PRO A 156 -1.57 -10.57 5.19
CA PRO A 156 -2.29 -11.80 4.80
C PRO A 156 -1.57 -12.83 3.92
N ILE A 157 -0.98 -12.42 2.77
CA ILE A 157 -0.25 -13.32 1.86
C ILE A 157 0.83 -14.19 2.52
N SER A 158 1.58 -13.63 3.48
CA SER A 158 2.60 -14.41 4.20
C SER A 158 1.97 -15.57 4.98
N VAL A 159 0.90 -15.27 5.76
CA VAL A 159 0.17 -16.27 6.55
C VAL A 159 -0.32 -17.39 5.62
N LEU A 161 0.64 -18.03 2.43
CA LEU A 161 1.80 -18.69 1.81
C LEU A 161 2.53 -19.63 2.74
N LEU A 162 2.53 -19.35 4.07
CA LEU A 162 3.13 -20.25 5.05
C LEU A 162 2.33 -21.51 5.19
N SER A 163 1.00 -21.42 5.48
CA SER A 163 0.06 -22.55 5.60
C SER A 163 0.08 -23.42 4.36
N PHE A 164 -0.02 -22.78 3.18
CA PHE A 164 0.03 -23.39 1.87
C PHE A 164 1.30 -24.24 1.74
N GLY A 165 2.44 -23.59 2.02
CA GLY A 165 3.77 -24.18 2.02
C GLY A 165 3.80 -25.49 2.80
N VAL A 167 1.31 -27.39 4.06
CA VAL A 167 0.31 -28.33 3.54
C VAL A 167 0.79 -29.03 2.24
N ILE A 169 3.91 -29.32 0.96
CA ILE A 169 5.11 -30.13 1.18
C ILE A 169 4.73 -31.42 1.93
N SER A 170 4.02 -31.32 3.07
CA SER A 170 3.61 -32.53 3.81
C SER A 170 2.71 -33.46 2.99
N LEU A 171 1.82 -32.91 2.13
CA LEU A 171 0.97 -33.75 1.28
C LEU A 171 1.70 -34.38 0.09
N TYR A 172 2.40 -33.55 -0.71
CA TYR A 172 3.05 -33.98 -1.94
C TYR A 172 4.53 -34.32 -1.93
N GLN A 173 5.32 -33.78 -1.01
CA GLN A 173 6.74 -34.11 -0.89
C GLN A 173 7.13 -34.20 0.60
N PRO A 174 6.51 -35.12 1.37
CA PRO A 174 6.79 -35.21 2.80
C PRO A 174 8.23 -35.51 3.19
N THR A 175 9.03 -36.10 2.27
CA THR A 175 10.45 -36.42 2.53
C THR A 175 11.29 -35.15 2.72
N ASN A 176 10.69 -33.98 2.40
CA ASN A 176 11.33 -32.66 2.50
C ASN A 176 10.70 -31.77 3.56
N PHE A 177 9.80 -32.34 4.41
CA PHE A 177 9.12 -31.62 5.48
C PHE A 177 10.08 -31.12 6.58
N LYS A 178 11.02 -31.98 7.03
CA LYS A 178 12.04 -31.62 8.05
C LYS A 178 12.85 -30.37 7.59
N ALA A 179 13.25 -30.37 6.30
CA ALA A 179 13.99 -29.32 5.64
C ALA A 179 13.14 -28.04 5.58
N LEU A 180 11.84 -28.19 5.26
CA LEU A 180 10.89 -27.07 5.22
C LEU A 180 10.76 -26.49 6.62
N THR A 182 12.89 -26.58 8.97
CA THR A 182 14.20 -26.02 9.31
C THR A 182 14.30 -24.57 8.78
N GLU A 183 13.84 -24.33 7.53
CA GLU A 183 13.83 -23.01 6.92
C GLU A 183 12.79 -22.10 7.54
N ILE A 184 11.57 -22.63 7.86
CA ILE A 184 10.50 -21.87 8.49
C ILE A 184 10.92 -21.38 9.90
N SER A 185 11.46 -22.29 10.77
CA SER A 185 11.92 -21.92 12.11
C SER A 185 13.14 -20.98 12.10
N ARG A 186 14.06 -21.17 11.15
CA ARG A 186 15.23 -20.28 11.02
C ARG A 186 14.75 -18.89 10.63
N GLY A 187 13.86 -18.83 9.64
CA GLY A 187 13.26 -17.61 9.14
C GLY A 187 12.57 -16.82 10.23
N TYR A 188 11.64 -17.47 10.97
CA TYR A 188 10.90 -16.84 12.05
C TYR A 188 11.83 -16.34 13.17
N ARG A 189 12.77 -17.19 13.62
CA ARG A 189 13.73 -16.91 14.67
C ARG A 189 14.56 -15.67 14.35
N VAL A 190 15.17 -15.63 13.12
CA VAL A 190 16.02 -14.54 12.64
C VAL A 190 15.24 -13.24 12.47
N GLY A 191 14.05 -13.36 11.90
CA GLY A 191 13.13 -12.25 11.68
C GLY A 191 12.68 -11.62 12.98
N SER A 192 12.40 -12.44 14.02
CA SER A 192 12.00 -12.02 15.37
C SER A 192 13.10 -11.27 16.07
N HIS A 193 14.37 -11.54 15.69
CA HIS A 193 15.55 -10.89 16.27
C HIS A 193 16.16 -9.82 15.36
N THR A 194 15.39 -9.32 14.38
CA THR A 194 15.78 -8.26 13.47
C THR A 194 14.85 -7.04 13.73
N PRO A 195 15.35 -6.01 14.48
CA PRO A 195 14.52 -4.82 14.77
C PRO A 195 14.20 -3.98 13.53
N GLY A 196 15.19 -3.87 12.63
CA GLY A 196 15.06 -3.12 11.39
C GLY A 196 14.15 -3.84 10.43
N LYS A 197 12.95 -3.31 10.23
CA LYS A 197 11.93 -3.90 9.37
C LYS A 197 12.31 -3.79 7.90
N LEU A 198 12.15 -4.89 7.15
CA LEU A 198 12.42 -4.94 5.70
C LEU A 198 11.54 -3.92 4.98
N ILE A 199 10.20 -4.00 5.22
CA ILE A 199 9.15 -3.17 4.63
C ILE A 199 9.36 -1.65 4.80
N ALA A 200 10.08 -1.22 5.90
CA ALA A 200 10.39 0.18 6.24
C ALA A 200 11.52 0.83 5.44
N GLN A 201 12.30 0.03 4.69
CA GLN A 201 13.48 0.47 3.93
C GLN A 201 13.19 1.05 2.56
N LYS A 202 13.86 2.19 2.25
CA LYS A 202 13.82 2.84 0.94
C LYS A 202 14.94 2.23 0.09
N TRP A 203 14.73 0.97 -0.33
CA TRP A 203 15.68 0.13 -1.09
C TRP A 203 16.47 0.79 -2.21
N ASP A 204 15.83 1.68 -3.00
CA ASP A 204 16.48 2.37 -4.12
C ASP A 204 17.68 3.24 -3.71
N GLN A 205 17.79 3.58 -2.41
CA GLN A 205 18.88 4.35 -1.79
C GLN A 205 20.01 3.45 -1.23
N LEU A 206 19.80 2.12 -1.28
CA LEU A 206 20.74 1.15 -0.73
C LEU A 206 21.49 0.30 -1.78
N TRP A 207 21.24 0.51 -3.09
CA TRP A 207 21.89 -0.25 -4.17
C TRP A 207 23.43 -0.22 -4.10
N ASP A 208 24.01 0.94 -3.70
CA ASP A 208 25.44 1.22 -3.58
C ASP A 208 26.03 0.92 -2.18
N VAL A 209 25.23 0.29 -1.29
CA VAL A 209 25.62 -0.06 0.07
C VAL A 209 25.90 -1.58 0.13
N GLN A 210 26.97 -1.98 0.85
CA GLN A 210 27.31 -3.40 1.01
C GLN A 210 26.19 -4.15 1.70
N VAL A 211 25.96 -5.40 1.30
CA VAL A 211 24.90 -6.26 1.87
C VAL A 211 25.16 -6.49 3.37
N SER A 212 26.43 -6.76 3.73
CA SER A 212 26.88 -6.96 5.12
C SER A 212 26.58 -5.72 5.97
N GLU A 213 26.75 -4.51 5.39
CA GLU A 213 26.47 -3.21 6.00
C GLU A 213 24.97 -3.05 6.23
N ILE A 214 24.13 -3.41 5.21
CA ILE A 214 22.66 -3.35 5.30
C ILE A 214 22.18 -4.28 6.43
N ARG A 215 22.68 -5.54 6.46
CA ARG A 215 22.36 -6.53 7.49
C ARG A 215 22.71 -6.01 8.89
N GLU A 216 23.84 -5.28 9.01
CA GLU A 216 24.32 -4.69 10.24
C GLU A 216 23.43 -3.53 10.69
N ARG A 217 22.99 -2.68 9.74
CA ARG A 217 22.07 -1.55 9.96
C ARG A 217 20.73 -2.04 10.47
N LEU A 218 20.15 -3.08 9.80
CA LEU A 218 18.87 -3.68 10.19
C LEU A 218 18.99 -4.49 11.49
N GLY A 219 20.21 -4.88 11.83
CA GLY A 219 20.50 -5.66 13.03
C GLY A 219 19.99 -7.08 12.91
N VAL A 220 20.37 -7.76 11.82
CA VAL A 220 19.95 -9.14 11.54
C VAL A 220 20.30 -10.13 12.69
N ASN A 221 21.44 -9.92 13.36
CA ASN A 221 21.90 -10.70 14.52
C ASN A 221 21.00 -10.46 15.77
N SER A 222 21.01 -9.20 16.33
CA SER A 222 20.29 -8.64 17.50
C SER A 222 19.18 -9.49 18.14
N THR B 7 2.50 7.61 -19.56
CA THR B 7 3.70 6.96 -19.06
C THR B 7 4.63 7.89 -18.19
N TYR B 8 4.49 9.25 -18.33
CA TYR B 8 5.29 10.28 -17.64
C TYR B 8 4.42 11.24 -16.85
N ASN B 9 4.89 11.71 -15.68
CA ASN B 9 4.13 12.72 -14.92
C ASN B 9 4.72 14.11 -15.13
N ASN B 10 4.17 14.83 -16.13
CA ASN B 10 4.59 16.17 -16.50
C ASN B 10 4.09 17.22 -15.53
N ASP B 11 2.87 17.00 -14.95
CA ASP B 11 2.29 17.92 -13.97
C ASP B 11 3.18 18.11 -12.75
N LYS B 12 3.94 17.05 -12.36
CA LYS B 12 4.89 17.10 -11.26
C LYS B 12 6.11 17.96 -11.62
N GLY B 13 6.41 18.06 -12.91
CA GLY B 13 7.45 18.93 -13.42
C GLY B 13 7.05 20.38 -13.21
N LEU B 14 5.78 20.71 -13.55
CA LEU B 14 5.22 22.06 -13.36
C LEU B 14 5.18 22.44 -11.88
N LEU B 15 4.80 21.47 -11.01
CA LEU B 15 4.76 21.66 -9.57
C LEU B 15 6.17 21.94 -9.03
N ALA B 16 7.18 21.29 -9.59
CA ALA B 16 8.58 21.46 -9.22
C ALA B 16 9.10 22.87 -9.60
N TYR B 17 8.64 23.39 -10.75
CA TYR B 17 9.01 24.71 -11.26
C TYR B 17 8.34 25.80 -10.40
N ILE B 18 7.06 25.59 -10.03
CA ILE B 18 6.31 26.51 -9.17
C ILE B 18 7.02 26.55 -7.79
N GLN B 19 7.45 25.38 -7.29
CA GLN B 19 8.18 25.23 -6.02
C GLN B 19 9.46 26.07 -6.09
N PHE B 20 10.23 25.90 -7.19
CA PHE B 20 11.48 26.59 -7.46
C PHE B 20 11.33 28.11 -7.52
N LEU B 21 10.32 28.61 -8.27
CA LEU B 21 10.07 30.03 -8.37
C LEU B 21 9.79 30.61 -6.98
N ALA B 22 8.88 29.96 -6.22
CA ALA B 22 8.40 30.39 -4.90
C ALA B 22 9.46 30.38 -3.81
N SER B 23 10.30 29.32 -3.76
CA SER B 23 11.36 29.22 -2.75
C SER B 23 12.42 30.28 -2.98
N SER B 24 12.70 30.59 -4.27
CA SER B 24 13.67 31.58 -4.69
C SER B 24 13.26 33.00 -4.33
N ALA B 25 11.96 33.25 -4.11
CA ALA B 25 11.44 34.56 -3.74
C ALA B 25 11.55 34.86 -2.24
N GLN B 26 12.40 34.11 -1.49
CA GLN B 26 12.59 34.32 -0.04
C GLN B 26 13.90 35.04 0.34
N GLY B 31 22.33 25.87 0.97
CA GLY B 31 20.97 26.39 0.90
C GLY B 31 20.42 26.49 -0.52
N ASN B 32 20.94 27.47 -1.29
CA ASN B 32 20.55 27.74 -2.68
C ASN B 32 21.00 26.66 -3.67
N THR B 33 22.09 25.95 -3.34
CA THR B 33 22.66 24.88 -4.18
C THR B 33 21.74 23.65 -4.21
N ASP B 34 21.20 23.23 -3.04
CA ASP B 34 20.31 22.08 -2.88
C ASP B 34 18.91 22.26 -3.50
N ARG B 35 18.46 23.52 -3.69
CA ARG B 35 17.15 23.84 -4.30
C ARG B 35 17.13 23.42 -5.77
N VAL B 36 18.29 23.57 -6.45
CA VAL B 36 18.46 23.23 -7.87
C VAL B 36 18.52 21.72 -8.04
N PHE B 37 19.20 21.02 -7.12
CA PHE B 37 19.29 19.57 -7.14
C PHE B 37 17.93 18.91 -6.96
N ASP B 38 17.11 19.41 -5.99
CA ASP B 38 15.75 18.93 -5.72
C ASP B 38 14.87 19.09 -6.97
N PHE B 39 15.02 20.25 -7.66
CA PHE B 39 14.29 20.59 -8.89
C PHE B 39 14.68 19.65 -10.03
N GLU B 40 16.00 19.51 -10.27
CA GLU B 40 16.61 18.65 -11.27
C GLU B 40 16.05 17.23 -11.16
N ASP B 41 16.00 16.70 -9.92
CA ASP B 41 15.49 15.38 -9.56
C ASP B 41 14.01 15.23 -9.95
N ALA B 42 13.21 16.29 -9.70
CA ALA B 42 11.77 16.29 -10.01
C ALA B 42 11.48 16.30 -11.52
N LEU B 43 12.47 16.68 -12.34
CA LEU B 43 12.31 16.69 -13.79
C LEU B 43 12.59 15.33 -14.41
N ASP B 44 13.21 14.40 -13.67
CA ASP B 44 13.56 13.06 -14.16
C ASP B 44 12.33 12.25 -14.61
N GLN B 45 11.16 12.55 -14.02
CA GLN B 45 9.88 11.86 -14.27
C GLN B 45 9.15 12.35 -15.52
N THR B 46 9.57 13.52 -16.04
CA THR B 46 8.97 14.15 -17.21
C THR B 46 9.36 13.46 -18.52
N GLN B 47 8.61 13.75 -19.59
CA GLN B 47 8.88 13.25 -20.94
C GLN B 47 10.15 13.87 -21.55
N ALA B 49 12.85 14.66 -20.03
CA ALA B 49 14.02 13.99 -19.46
C ALA B 49 14.43 12.84 -20.36
N GLN B 50 13.47 11.99 -20.76
CA GLN B 50 13.71 10.86 -21.63
C GLN B 50 14.10 11.27 -23.05
N LEU B 51 13.42 12.31 -23.58
CA LEU B 51 13.67 12.84 -24.91
C LEU B 51 15.07 13.41 -25.03
N ALA B 52 15.53 14.15 -23.98
CA ALA B 52 16.90 14.70 -23.90
C ALA B 52 17.95 13.58 -24.01
N VAL B 53 17.72 12.48 -23.28
CA VAL B 53 18.59 11.30 -23.31
C VAL B 53 18.56 10.69 -24.71
N ASP B 54 17.34 10.49 -25.28
CA ASP B 54 17.14 9.92 -26.62
C ASP B 54 17.85 10.71 -27.70
N GLU B 55 17.82 12.05 -27.60
CA GLU B 55 18.44 12.94 -28.59
C GLU B 55 19.96 13.05 -28.46
N LEU B 56 20.49 13.02 -27.21
CA LEU B 56 21.93 13.08 -26.92
C LEU B 56 22.61 11.81 -27.44
N LYS B 57 21.97 10.65 -27.23
CA LYS B 57 22.44 9.33 -27.70
C LYS B 57 22.49 9.23 -29.26
N LYS B 58 21.90 10.23 -29.96
CA LYS B 58 21.90 10.34 -31.42
C LYS B 58 23.19 11.00 -31.94
N ILE B 59 23.99 11.62 -31.02
CA ILE B 59 25.28 12.19 -31.38
C ILE B 59 26.37 11.14 -31.04
N PRO B 60 27.04 10.56 -32.08
CA PRO B 60 28.06 9.52 -31.83
C PRO B 60 28.94 9.67 -30.58
N GLU B 61 29.72 10.78 -30.44
CA GLU B 61 30.60 10.99 -29.28
C GLU B 61 29.90 11.05 -27.91
N VAL B 62 28.60 11.48 -27.86
CA VAL B 62 27.82 11.52 -26.61
C VAL B 62 27.33 10.10 -26.24
N ASN B 63 26.73 9.33 -27.21
CA ASN B 63 26.27 7.94 -27.00
C ASN B 63 27.43 7.06 -26.50
N ALA B 64 28.64 7.41 -26.95
CA ALA B 64 29.90 6.77 -26.59
C ALA B 64 30.17 6.98 -25.11
N LEU B 65 29.83 8.16 -24.55
CA LEU B 65 30.02 8.44 -23.11
C LEU B 65 28.97 7.69 -22.30
N PHE B 66 27.73 7.59 -22.82
CA PHE B 66 26.62 6.85 -22.20
C PHE B 66 26.98 5.38 -22.03
N SER B 67 27.60 4.76 -23.07
CA SER B 67 28.04 3.36 -23.10
C SER B 67 29.11 3.08 -22.05
N GLU B 68 30.19 3.90 -22.05
CA GLU B 68 31.34 3.83 -21.14
C GLU B 68 30.99 4.24 -19.74
N ARG B 69 29.85 4.94 -19.61
CA ARG B 69 29.38 5.54 -18.38
C ARG B 69 30.51 6.45 -17.82
N TRP B 70 31.13 7.25 -18.73
CA TRP B 70 32.25 8.13 -18.45
C TRP B 70 31.92 9.20 -17.43
N LEU B 71 32.76 9.31 -16.41
CA LEU B 71 32.67 10.36 -15.40
C LEU B 71 34.09 10.86 -15.13
N PRO B 72 34.29 12.17 -14.84
CA PRO B 72 35.66 12.66 -14.65
C PRO B 72 36.35 12.13 -13.40
N ALA B 73 37.67 11.86 -13.53
CA ALA B 73 38.52 11.42 -12.44
C ALA B 73 38.56 12.49 -11.32
N PRO B 74 38.69 12.10 -10.04
CA PRO B 74 38.75 13.12 -8.97
C PRO B 74 40.06 13.91 -9.07
N PHE B 75 40.00 15.18 -8.66
CA PHE B 75 41.12 16.11 -8.72
C PHE B 75 41.35 16.87 -7.41
N ASN B 76 42.59 17.26 -7.15
CA ASN B 76 42.95 18.09 -6.00
C ASN B 76 43.15 19.50 -6.54
N LEU B 77 42.31 20.48 -6.08
CA LEU B 77 42.38 21.87 -6.54
C LEU B 77 43.78 22.49 -6.48
N ASP B 78 44.58 22.11 -5.46
CA ASP B 78 45.95 22.59 -5.27
C ASP B 78 46.90 22.11 -6.38
N ASP B 79 46.69 20.87 -6.89
CA ASP B 79 47.50 20.30 -7.96
C ASP B 79 47.17 20.91 -9.32
N LEU B 80 45.89 21.28 -9.52
CA LEU B 80 45.39 21.95 -10.73
C LEU B 80 45.98 23.34 -10.83
N ALA B 81 46.05 24.07 -9.69
CA ALA B 81 46.61 25.42 -9.57
C ALA B 81 48.10 25.43 -9.93
N LYS B 82 48.81 24.29 -9.72
CA LYS B 82 50.24 24.13 -10.01
C LYS B 82 50.57 23.95 -11.52
N LEU B 83 49.53 23.89 -12.38
CA LEU B 83 49.65 23.74 -13.84
C LEU B 83 50.01 25.08 -14.51
N PRO B 84 50.45 25.11 -15.81
CA PRO B 84 50.81 26.40 -16.46
C PRO B 84 49.74 27.49 -16.45
N GLU B 85 50.15 28.75 -16.69
CA GLU B 85 49.30 29.95 -16.63
C GLU B 85 47.89 29.97 -17.26
N GLY B 86 47.78 29.69 -18.55
CA GLY B 86 46.49 29.76 -19.24
C GLY B 86 45.70 28.48 -19.40
N THR B 87 46.18 27.38 -18.77
CA THR B 87 45.55 26.05 -18.85
C THR B 87 44.19 26.04 -18.16
N LEU B 88 43.33 25.04 -18.49
CA LEU B 88 41.99 24.84 -17.92
C LEU B 88 42.06 24.62 -16.40
N GLY B 89 43.03 23.79 -15.97
CA GLY B 89 43.27 23.48 -14.56
C GLY B 89 43.55 24.71 -13.73
N HIS B 90 44.55 25.51 -14.15
CA HIS B 90 44.97 26.74 -13.49
C HIS B 90 43.86 27.77 -13.35
N VAL B 91 43.14 28.06 -14.45
CA VAL B 91 42.04 29.04 -14.50
C VAL B 91 40.91 28.65 -13.54
N TYR B 92 40.48 27.37 -13.59
CA TYR B 92 39.42 26.80 -12.75
C TYR B 92 39.76 26.88 -11.26
N ALA B 93 40.95 26.39 -10.88
CA ALA B 93 41.45 26.39 -9.51
C ALA B 93 41.60 27.81 -8.94
N ARG B 94 42.20 28.75 -9.72
CA ARG B 94 42.38 30.15 -9.31
C ARG B 94 41.08 30.82 -8.94
N GLU B 95 40.01 30.58 -9.74
CA GLU B 95 38.71 31.16 -9.46
C GLU B 95 37.84 30.36 -8.46
N LYS B 97 39.29 29.04 -5.61
CA LYS B 97 39.91 29.53 -4.37
C LYS B 97 39.38 30.94 -4.04
N ALA B 98 39.03 31.70 -5.10
CA ALA B 98 38.47 33.05 -4.99
C ALA B 98 36.97 33.02 -4.63
N ARG B 99 36.26 31.92 -4.97
CA ARG B 99 34.83 31.75 -4.69
C ARG B 99 34.56 30.48 -3.86
N PHE B 105 31.51 18.47 -3.67
CA PHE B 105 31.08 19.81 -4.06
C PHE B 105 29.60 19.87 -4.53
N TYR B 106 28.96 18.69 -4.74
CA TYR B 106 27.58 18.53 -5.21
C TYR B 106 26.92 17.27 -4.59
N LYS B 107 25.61 17.05 -4.92
CA LYS B 107 24.79 15.91 -4.46
C LYS B 107 25.07 14.69 -5.34
N LYS B 108 25.71 13.66 -4.77
CA LYS B 108 26.04 12.40 -5.47
C LYS B 108 24.89 11.39 -5.43
N VAL B 109 24.63 10.75 -6.57
CA VAL B 109 23.55 9.78 -6.82
C VAL B 109 24.18 8.49 -7.44
N PRO B 110 23.74 7.27 -7.07
CA PRO B 110 24.29 6.08 -7.74
C PRO B 110 23.76 5.97 -9.18
N VAL B 111 24.68 5.76 -10.15
CA VAL B 111 24.33 5.62 -11.57
C VAL B 111 23.62 4.27 -11.78
N VAL B 112 22.32 4.36 -12.01
CA VAL B 112 21.39 3.25 -12.09
C VAL B 112 20.76 3.06 -13.49
N ASP B 113 20.76 4.14 -14.32
CA ASP B 113 20.21 4.17 -15.68
C ASP B 113 20.76 5.39 -16.47
N ASP B 114 20.22 5.66 -17.69
CA ASP B 114 20.61 6.77 -18.57
C ASP B 114 20.34 8.15 -17.93
N ILE B 115 19.18 8.33 -17.32
CA ILE B 115 18.78 9.59 -16.67
C ILE B 115 19.70 9.90 -15.43
N SER B 116 19.95 8.90 -14.55
CA SER B 116 20.86 9.09 -13.42
C SER B 116 22.31 9.28 -13.88
N TYR B 117 22.71 8.68 -15.04
CA TYR B 117 24.05 8.90 -15.60
C TYR B 117 24.20 10.36 -16.13
N LEU B 118 23.23 10.85 -16.92
CA LEU B 118 23.26 12.22 -17.45
C LEU B 118 23.30 13.25 -16.31
N LYS B 119 22.58 12.97 -15.20
CA LYS B 119 22.54 13.82 -14.04
C LYS B 119 23.94 13.93 -13.44
N LEU B 121 26.94 13.08 -14.98
CA LEU B 121 27.80 13.71 -16.00
C LEU B 121 27.71 15.24 -15.94
N TRP B 122 26.49 15.74 -15.83
CA TRP B 122 26.11 17.15 -15.74
C TRP B 122 26.70 17.82 -14.49
N ARG B 123 26.44 17.22 -13.31
CA ARG B 123 26.90 17.73 -12.03
C ARG B 123 28.41 17.74 -11.89
N SER B 124 29.09 16.67 -12.35
CA SER B 124 30.55 16.51 -12.29
C SER B 124 31.27 17.50 -13.19
N THR B 125 30.66 17.89 -14.32
CA THR B 125 31.32 18.72 -15.31
C THR B 125 30.83 20.14 -15.52
N HIS B 126 29.52 20.43 -15.30
CA HIS B 126 28.96 21.74 -15.63
C HIS B 126 29.62 23.03 -15.06
N ASP B 127 30.32 22.92 -13.94
CA ASP B 127 31.02 24.09 -13.40
C ASP B 127 32.28 24.46 -14.20
N ILE B 128 32.77 23.55 -15.06
CA ILE B 128 33.93 23.78 -15.93
C ILE B 128 33.47 24.58 -17.17
N TYR B 129 32.24 24.28 -17.68
CA TYR B 129 31.61 24.89 -18.87
C TYR B 129 31.83 26.39 -19.02
N HIS B 130 31.47 27.18 -18.00
CA HIS B 130 31.59 28.64 -18.03
C HIS B 130 33.00 29.18 -18.35
N VAL B 131 34.09 28.48 -17.93
CA VAL B 131 35.46 28.94 -18.20
C VAL B 131 35.83 28.84 -19.69
N VAL B 132 35.39 27.74 -20.36
CA VAL B 132 35.61 27.48 -21.79
C VAL B 132 34.66 28.37 -22.60
N ALA B 133 33.36 28.39 -22.23
CA ALA B 133 32.31 29.19 -22.87
C ALA B 133 32.49 30.72 -22.70
N GLY B 134 33.18 31.14 -21.64
CA GLY B 134 33.45 32.54 -21.36
C GLY B 134 32.28 33.32 -20.79
N PHE B 135 31.75 32.85 -19.65
CA PHE B 135 30.66 33.48 -18.89
C PHE B 135 31.09 33.65 -17.42
N ASP B 136 30.59 34.69 -16.75
CA ASP B 136 30.94 34.94 -15.33
C ASP B 136 30.25 33.96 -14.38
N THR B 137 30.74 33.89 -13.13
CA THR B 137 30.19 33.02 -12.09
C THR B 137 28.92 33.62 -11.47
N ASN B 138 28.65 34.92 -11.75
CA ASN B 138 27.48 35.64 -11.27
C ASN B 138 26.18 35.11 -11.89
N VAL B 139 25.03 35.63 -11.44
CA VAL B 139 23.69 35.22 -11.87
C VAL B 139 23.51 35.33 -13.39
N PHE B 140 23.93 36.47 -13.99
CA PHE B 140 23.80 36.73 -15.43
C PHE B 140 24.69 35.82 -16.24
N GLY B 141 25.88 35.57 -15.73
CA GLY B 141 26.83 34.67 -16.34
C GLY B 141 26.30 33.25 -16.40
N GLU B 142 25.65 32.79 -15.30
CA GLU B 142 25.05 31.47 -15.24
C GLU B 142 23.90 31.32 -16.21
N ILE B 143 23.06 32.38 -16.32
CA ILE B 143 21.91 32.42 -17.25
C ILE B 143 22.38 32.46 -18.70
N GLY B 144 23.45 33.24 -18.94
CA GLY B 144 24.08 33.27 -20.25
C GLY B 144 24.50 31.88 -20.68
N LEU B 145 25.25 31.18 -19.77
CA LEU B 145 25.77 29.82 -20.00
C LEU B 145 24.69 28.80 -20.34
N GLN B 146 23.54 28.83 -19.64
CA GLN B 146 22.42 27.91 -19.88
C GLN B 146 21.87 28.05 -21.28
N ALA B 147 21.84 29.31 -21.81
CA ALA B 147 21.38 29.63 -23.17
C ALA B 147 22.38 29.09 -24.20
N PHE B 148 23.69 29.10 -23.88
CA PHE B 148 24.76 28.53 -24.73
C PHE B 148 24.57 27.01 -24.78
N PHE B 149 24.45 26.35 -23.60
CA PHE B 149 24.24 24.91 -23.50
C PHE B 149 22.95 24.51 -24.22
N LEU B 150 21.86 25.26 -24.00
CA LEU B 150 20.56 25.02 -24.63
C LEU B 150 20.64 25.03 -26.16
N ALA B 151 21.40 26.00 -26.75
CA ALA B 151 21.65 26.18 -28.19
C ALA B 151 22.36 24.96 -28.78
N GLN B 152 23.19 24.27 -27.97
CA GLN B 152 23.98 23.11 -28.34
C GLN B 152 23.23 21.78 -28.17
N THR B 153 22.89 21.44 -26.91
CA THR B 153 22.28 20.19 -26.49
C THR B 153 21.20 20.45 -25.41
N PRO B 154 19.93 20.71 -25.83
CA PRO B 154 18.87 20.99 -24.83
C PRO B 154 18.50 19.85 -23.88
N ILE B 155 18.55 20.15 -22.57
CA ILE B 155 18.15 19.25 -21.47
C ILE B 155 17.15 20.01 -20.59
N PRO B 156 16.16 19.35 -19.94
CA PRO B 156 15.15 20.09 -19.14
C PRO B 156 15.62 21.21 -18.21
N ILE B 157 16.62 20.97 -17.30
CA ILE B 157 17.11 22.00 -16.35
C ILE B 157 17.56 23.33 -16.99
N SER B 158 18.16 23.29 -18.21
CA SER B 158 18.60 24.49 -18.94
C SER B 158 17.42 25.35 -19.34
N VAL B 159 16.34 24.71 -19.85
CA VAL B 159 15.09 25.38 -20.26
C VAL B 159 14.48 26.06 -19.05
N LEU B 161 15.90 26.79 -16.05
CA LEU B 161 16.75 27.86 -15.50
C LEU B 161 16.82 29.13 -16.34
N LEU B 162 16.54 29.01 -17.66
CA LEU B 162 16.49 30.17 -18.55
C LEU B 162 15.20 30.95 -18.27
N SER B 163 14.03 30.27 -18.29
CA SER B 163 12.72 30.86 -17.99
C SER B 163 12.73 31.51 -16.61
N PHE B 164 13.21 30.76 -15.60
CA PHE B 164 13.36 31.18 -14.21
C PHE B 164 14.16 32.48 -14.16
N GLY B 165 15.32 32.51 -14.83
CA GLY B 165 16.23 33.64 -14.92
C GLY B 165 15.53 34.89 -15.41
N VAL B 167 12.22 35.53 -15.62
CA VAL B 167 11.12 35.85 -14.71
C VAL B 167 11.60 36.55 -13.44
N ILE B 169 14.54 38.10 -12.79
CA ILE B 169 15.17 39.40 -13.07
C ILE B 169 14.12 40.45 -13.40
N SER B 170 13.22 40.17 -14.36
CA SER B 170 12.15 41.12 -14.69
C SER B 170 11.22 41.44 -13.51
N LEU B 171 10.94 40.44 -12.63
CA LEU B 171 10.09 40.69 -11.45
C LEU B 171 10.80 41.45 -10.33
N TYR B 172 11.98 40.95 -9.91
CA TYR B 172 12.72 41.49 -8.77
C TYR B 172 13.85 42.48 -8.99
N GLN B 173 14.49 42.46 -10.16
CA GLN B 173 15.53 43.46 -10.48
C GLN B 173 15.42 43.89 -11.96
N PRO B 174 14.27 44.50 -12.36
CA PRO B 174 14.07 44.83 -13.76
C PRO B 174 15.07 45.83 -14.36
N THR B 175 15.76 46.62 -13.50
CA THR B 175 16.78 47.59 -13.96
C THR B 175 17.98 46.89 -14.59
N ASN B 176 18.06 45.55 -14.45
CA ASN B 176 19.13 44.71 -14.97
C ASN B 176 18.66 43.73 -16.05
N PHE B 177 17.42 43.89 -16.55
CA PHE B 177 16.84 43.04 -17.59
C PHE B 177 17.58 43.14 -18.94
N LYS B 178 17.92 44.39 -19.39
CA LYS B 178 18.65 44.60 -20.65
C LYS B 178 19.99 43.84 -20.67
N ALA B 179 20.74 43.91 -19.56
CA ALA B 179 22.01 43.19 -19.37
C ALA B 179 21.80 41.68 -19.43
N LEU B 180 20.73 41.15 -18.79
CA LEU B 180 20.40 39.73 -18.78
C LEU B 180 20.11 39.23 -20.19
N THR B 182 21.13 40.64 -22.94
CA THR B 182 22.38 40.80 -23.69
C THR B 182 23.21 39.49 -23.55
N GLU B 183 23.25 38.91 -22.32
CA GLU B 183 23.95 37.66 -22.00
C GLU B 183 23.25 36.45 -22.57
N ILE B 184 21.91 36.42 -22.53
CA ILE B 184 21.13 35.30 -23.04
C ILE B 184 21.30 35.16 -24.56
N SER B 185 21.15 36.29 -25.28
CA SER B 185 21.28 36.33 -26.75
C SER B 185 22.69 35.95 -27.17
N ARG B 186 23.73 36.57 -26.53
CA ARG B 186 25.15 36.30 -26.79
C ARG B 186 25.42 34.82 -26.61
N GLY B 187 25.00 34.27 -25.47
CA GLY B 187 25.11 32.86 -25.16
C GLY B 187 24.55 31.96 -26.24
N TYR B 188 23.25 32.12 -26.57
CA TYR B 188 22.55 31.32 -27.58
C TYR B 188 23.22 31.43 -28.96
N ARG B 189 23.56 32.67 -29.40
CA ARG B 189 24.22 32.96 -30.68
C ARG B 189 25.57 32.21 -30.81
N VAL B 190 26.45 32.34 -29.78
CA VAL B 190 27.76 31.69 -29.69
C VAL B 190 27.62 30.17 -29.61
N GLY B 191 26.69 29.67 -28.79
CA GLY B 191 26.42 28.24 -28.63
C GLY B 191 25.94 27.60 -29.92
N SER B 192 25.09 28.32 -30.70
CA SER B 192 24.55 27.90 -31.99
C SER B 192 25.65 27.77 -33.05
N HIS B 193 26.74 28.55 -32.88
CA HIS B 193 27.88 28.57 -33.79
C HIS B 193 29.11 27.83 -33.24
N THR B 194 28.90 26.93 -32.27
CA THR B 194 29.94 26.09 -31.68
C THR B 194 29.59 24.61 -32.00
N PRO B 195 30.28 24.01 -33.01
CA PRO B 195 29.99 22.61 -33.38
C PRO B 195 30.39 21.60 -32.30
N GLY B 196 31.51 21.86 -31.63
CA GLY B 196 32.04 21.03 -30.56
C GLY B 196 31.18 21.15 -29.31
N LYS B 197 30.40 20.10 -29.02
CA LYS B 197 29.49 20.06 -27.89
C LYS B 197 30.24 19.99 -26.58
N LEU B 198 29.81 20.79 -25.58
CA LEU B 198 30.41 20.82 -24.24
C LEU B 198 30.28 19.44 -23.59
N ILE B 199 29.03 18.92 -23.57
CA ILE B 199 28.63 17.63 -23.00
C ILE B 199 29.44 16.40 -23.52
N ALA B 200 29.95 16.48 -24.78
CA ALA B 200 30.73 15.42 -25.46
C ALA B 200 32.22 15.31 -25.04
N GLN B 201 32.74 16.32 -24.31
CA GLN B 201 34.15 16.40 -23.88
C GLN B 201 34.53 15.61 -22.65
N LYS B 202 35.70 14.93 -22.70
CA LYS B 202 36.25 14.19 -21.58
C LYS B 202 37.15 15.16 -20.80
N TRP B 203 36.50 16.11 -20.08
CA TRP B 203 37.13 17.20 -19.34
C TRP B 203 38.40 16.90 -18.51
N ASP B 204 38.45 15.74 -17.84
CA ASP B 204 39.60 15.34 -17.02
C ASP B 204 40.92 15.22 -17.81
N GLN B 205 40.82 15.10 -19.16
CA GLN B 205 41.95 15.00 -20.10
C GLN B 205 42.35 16.38 -20.66
N LEU B 206 41.61 17.45 -20.29
CA LEU B 206 41.84 18.81 -20.79
C LEU B 206 42.39 19.79 -19.74
N TRP B 207 42.60 19.36 -18.47
CA TRP B 207 43.12 20.22 -17.40
C TRP B 207 44.45 20.90 -17.77
N ASP B 208 45.33 20.18 -18.50
CA ASP B 208 46.67 20.62 -18.93
C ASP B 208 46.70 21.32 -20.30
N VAL B 209 45.52 21.57 -20.88
CA VAL B 209 45.35 22.21 -22.19
C VAL B 209 44.95 23.67 -22.01
N GLN B 210 45.54 24.59 -22.81
CA GLN B 210 45.24 26.02 -22.78
C GLN B 210 43.76 26.26 -23.11
N VAL B 211 43.09 27.18 -22.36
CA VAL B 211 41.67 27.51 -22.55
C VAL B 211 41.40 27.98 -24.00
N SER B 212 42.30 28.84 -24.53
CA SER B 212 42.25 29.35 -25.90
C SER B 212 42.29 28.20 -26.92
N GLU B 213 43.12 27.17 -26.64
CA GLU B 213 43.27 25.95 -27.44
C GLU B 213 41.97 25.12 -27.40
N ILE B 214 41.34 24.96 -26.20
CA ILE B 214 40.08 24.24 -26.02
C ILE B 214 38.97 24.93 -26.84
N ARG B 215 38.87 26.28 -26.71
CA ARG B 215 37.90 27.11 -27.46
C ARG B 215 38.06 26.93 -28.97
N GLU B 216 39.32 26.82 -29.42
CA GLU B 216 39.70 26.61 -30.81
C GLU B 216 39.30 25.22 -31.32
N ARG B 217 39.51 24.18 -30.47
CA ARG B 217 39.15 22.78 -30.74
C ARG B 217 37.63 22.65 -30.89
N LEU B 218 36.86 23.24 -29.96
CA LEU B 218 35.39 23.21 -29.98
C LEU B 218 34.82 24.10 -31.09
N GLY B 219 35.63 25.03 -31.56
CA GLY B 219 35.26 25.96 -32.62
C GLY B 219 34.25 26.97 -32.14
N VAL B 220 34.55 27.63 -31.02
CA VAL B 220 33.69 28.63 -30.40
C VAL B 220 33.27 29.76 -31.37
N ASN B 221 34.19 30.19 -32.26
CA ASN B 221 33.93 31.21 -33.29
C ASN B 221 32.92 30.69 -34.37
N SER B 222 33.33 29.66 -35.18
CA SER B 222 32.65 28.94 -36.28
C SER B 222 31.16 29.24 -36.53
N THR C 7 4.07 47.28 6.24
CA THR C 7 5.16 46.89 7.13
C THR C 7 5.50 45.37 7.11
N TYR C 8 4.54 44.50 6.63
CA TYR C 8 4.67 43.03 6.57
C TYR C 8 4.52 42.48 5.16
N ASN C 9 5.31 41.46 4.80
CA ASN C 9 5.16 40.84 3.48
C ASN C 9 4.41 39.52 3.61
N ASN C 10 3.07 39.59 3.49
CA ASN C 10 2.19 38.43 3.58
C ASN C 10 2.24 37.60 2.32
N ASP C 11 2.46 38.24 1.14
CA ASP C 11 2.56 37.54 -0.15
C ASP C 11 3.68 36.49 -0.15
N LYS C 12 4.78 36.76 0.60
CA LYS C 12 5.90 35.83 0.76
C LYS C 12 5.51 34.62 1.62
N GLY C 13 4.53 34.81 2.51
CA GLY C 13 3.96 33.75 3.30
C GLY C 13 3.19 32.81 2.38
N LEU C 14 2.38 33.36 1.45
CA LEU C 14 1.62 32.57 0.49
C LEU C 14 2.56 31.82 -0.46
N LEU C 15 3.66 32.45 -0.87
CA LEU C 15 4.65 31.83 -1.74
C LEU C 15 5.31 30.67 -1.02
N ALA C 16 5.56 30.80 0.31
CA ALA C 16 6.14 29.76 1.16
C ALA C 16 5.20 28.55 1.29
N TYR C 17 3.88 28.80 1.35
CA TYR C 17 2.83 27.77 1.45
C TYR C 17 2.72 27.02 0.14
N ILE C 18 2.75 27.75 -0.99
CA ILE C 18 2.73 27.16 -2.33
C ILE C 18 3.98 26.28 -2.51
N GLN C 19 5.16 26.75 -2.03
CA GLN C 19 6.42 26.03 -2.10
C GLN C 19 6.24 24.72 -1.34
N PHE C 20 5.71 24.81 -0.09
CA PHE C 20 5.49 23.68 0.80
C PHE C 20 4.56 22.63 0.19
N LEU C 21 3.42 23.06 -0.37
CA LEU C 21 2.47 22.16 -1.02
C LEU C 21 3.12 21.43 -2.18
N ALA C 22 3.79 22.19 -3.08
CA ALA C 22 4.41 21.69 -4.30
C ALA C 22 5.56 20.76 -4.05
N SER C 23 6.37 21.03 -3.01
CA SER C 23 7.51 20.19 -2.61
C SER C 23 7.02 18.86 -2.09
N SER C 24 5.84 18.86 -1.44
CA SER C 24 5.23 17.64 -0.87
C SER C 24 4.61 16.76 -1.91
N ALA C 25 4.31 17.29 -3.08
CA ALA C 25 3.74 16.50 -4.14
C ALA C 25 4.82 15.67 -4.90
N GLN C 26 6.05 15.58 -4.35
CA GLN C 26 7.15 14.82 -4.97
C GLN C 26 7.51 13.52 -4.21
N GLY C 31 15.68 15.62 5.82
CA GLY C 31 14.99 15.94 4.58
C GLY C 31 13.66 16.66 4.76
N ASN C 32 12.64 15.89 5.20
CA ASN C 32 11.27 16.38 5.44
C ASN C 32 11.17 17.31 6.68
N THR C 33 12.09 17.16 7.67
CA THR C 33 12.15 17.97 8.90
C THR C 33 12.54 19.42 8.62
N ASP C 34 13.58 19.62 7.75
CA ASP C 34 14.08 20.95 7.36
C ASP C 34 13.12 21.75 6.44
N ARG C 35 12.18 21.08 5.75
CA ARG C 35 11.19 21.73 4.89
C ARG C 35 10.20 22.55 5.72
N VAL C 36 9.88 22.07 6.93
CA VAL C 36 8.97 22.70 7.88
C VAL C 36 9.64 23.91 8.53
N PHE C 37 10.94 23.78 8.88
CA PHE C 37 11.73 24.86 9.44
C PHE C 37 11.87 26.03 8.45
N ASP C 38 12.16 25.75 7.17
CA ASP C 38 12.28 26.75 6.10
C ASP C 38 10.97 27.50 5.94
N PHE C 39 9.82 26.76 6.03
CA PHE C 39 8.45 27.30 5.91
C PHE C 39 8.16 28.21 7.11
N GLU C 40 8.39 27.70 8.33
CA GLU C 40 8.23 28.40 9.60
C GLU C 40 8.94 29.75 9.56
N ASP C 41 10.19 29.75 9.08
CA ASP C 41 11.06 30.91 8.92
C ASP C 41 10.45 31.96 7.96
N ALA C 42 9.85 31.49 6.86
CA ALA C 42 9.21 32.34 5.86
C ALA C 42 7.96 33.03 6.42
N LEU C 43 7.37 32.51 7.50
CA LEU C 43 6.18 33.07 8.10
C LEU C 43 6.50 34.17 9.10
N ASP C 44 7.78 34.30 9.50
CA ASP C 44 8.22 35.34 10.47
C ASP C 44 7.99 36.77 9.98
N GLN C 45 7.99 36.96 8.66
CA GLN C 45 7.80 38.26 7.99
C GLN C 45 6.33 38.66 7.90
N THR C 46 5.41 37.72 8.14
CA THR C 46 3.96 37.96 8.04
C THR C 46 3.42 38.73 9.25
N GLN C 47 2.19 39.26 9.11
CA GLN C 47 1.48 39.96 10.17
C GLN C 47 1.01 38.99 11.26
N ALA C 49 2.53 36.41 12.42
CA ALA C 49 3.68 36.08 13.27
C ALA C 49 3.67 37.06 14.44
N GLN C 50 3.56 38.38 14.16
CA GLN C 50 3.52 39.44 15.17
C GLN C 50 2.25 39.36 16.04
N LEU C 51 1.08 39.06 15.42
CA LEU C 51 -0.20 38.98 16.13
C LEU C 51 -0.21 37.84 17.11
N ALA C 52 0.37 36.70 16.72
CA ALA C 52 0.50 35.52 17.58
C ALA C 52 1.31 35.88 18.84
N VAL C 53 2.43 36.60 18.66
CA VAL C 53 3.27 37.08 19.76
C VAL C 53 2.46 38.06 20.64
N ASP C 54 1.77 39.06 20.00
CA ASP C 54 0.94 40.05 20.67
C ASP C 54 -0.16 39.43 21.53
N GLU C 55 -0.80 38.37 21.04
CA GLU C 55 -1.88 37.69 21.74
C GLU C 55 -1.42 36.77 22.86
N LEU C 56 -0.26 36.09 22.66
CA LEU C 56 0.35 35.19 23.66
C LEU C 56 0.80 35.99 24.87
N LYS C 57 1.41 37.16 24.63
CA LYS C 57 1.90 38.09 25.66
C LYS C 57 0.75 38.70 26.49
N LYS C 58 -0.52 38.49 26.06
CA LYS C 58 -1.74 38.91 26.77
C LYS C 58 -2.10 37.90 27.89
N ILE C 59 -1.53 36.68 27.86
CA ILE C 59 -1.70 35.70 28.93
C ILE C 59 -0.46 35.85 29.84
N PRO C 60 -0.67 36.22 31.14
CA PRO C 60 0.46 36.52 32.05
C PRO C 60 1.62 35.52 32.13
N GLU C 61 1.30 34.22 32.26
CA GLU C 61 2.30 33.16 32.38
C GLU C 61 3.17 32.98 31.14
N VAL C 62 2.66 33.36 29.96
CA VAL C 62 3.36 33.31 28.67
C VAL C 62 4.28 34.54 28.53
N ASN C 63 3.76 35.74 28.81
CA ASN C 63 4.54 36.99 28.77
C ASN C 63 5.79 36.90 29.70
N ALA C 64 5.61 36.25 30.87
CA ALA C 64 6.64 36.00 31.87
C ALA C 64 7.81 35.29 31.21
N LEU C 65 7.54 34.16 30.49
CA LEU C 65 8.52 33.37 29.75
C LEU C 65 9.22 34.23 28.70
N PHE C 66 8.44 35.08 27.97
CA PHE C 66 8.95 36.00 26.95
C PHE C 66 9.90 37.05 27.57
N SER C 67 9.60 37.55 28.80
CA SER C 67 10.46 38.50 29.55
C SER C 67 11.72 37.77 30.02
N GLU C 68 11.54 36.61 30.65
CA GLU C 68 12.58 35.71 31.15
C GLU C 68 13.48 35.18 30.04
N ARG C 69 12.93 35.00 28.81
CA ARG C 69 13.54 34.35 27.64
C ARG C 69 13.81 32.86 27.97
N TRP C 70 12.85 32.28 28.75
CA TRP C 70 12.84 30.90 29.24
C TRP C 70 12.94 29.90 28.13
N LEU C 71 13.92 29.02 28.25
CA LEU C 71 14.12 27.90 27.35
C LEU C 71 14.46 26.69 28.22
N PRO C 72 14.04 25.46 27.85
CA PRO C 72 14.30 24.32 28.75
C PRO C 72 15.77 23.98 28.89
N ALA C 73 16.18 23.59 30.11
CA ALA C 73 17.54 23.18 30.47
C ALA C 73 17.95 21.98 29.61
N PRO C 74 19.25 21.84 29.24
CA PRO C 74 19.64 20.67 28.44
C PRO C 74 19.50 19.38 29.24
N PHE C 75 19.13 18.30 28.55
CA PHE C 75 18.90 17.00 29.18
C PHE C 75 19.60 15.88 28.43
N ASN C 76 19.99 14.85 29.16
CA ASN C 76 20.59 13.66 28.58
C ASN C 76 19.47 12.61 28.56
N LEU C 77 19.10 12.14 27.36
CA LEU C 77 18.03 11.15 27.17
C LEU C 77 18.16 9.89 28.06
N ASP C 78 19.41 9.46 28.31
CA ASP C 78 19.72 8.30 29.16
C ASP C 78 19.34 8.54 30.62
N ASP C 79 19.50 9.77 31.12
CA ASP C 79 19.15 10.15 32.50
C ASP C 79 17.65 10.28 32.70
N LEU C 80 16.93 10.71 31.65
CA LEU C 80 15.47 10.82 31.63
C LEU C 80 14.84 9.44 31.69
N ALA C 81 15.41 8.48 30.94
CA ALA C 81 14.98 7.08 30.87
C ALA C 81 15.10 6.40 32.24
N LYS C 82 16.05 6.87 33.07
CA LYS C 82 16.31 6.33 34.41
C LYS C 82 15.30 6.78 35.48
N LEU C 83 14.32 7.64 35.11
CA LEU C 83 13.26 8.16 35.98
C LEU C 83 12.12 7.11 36.16
N PRO C 84 11.18 7.25 37.14
CA PRO C 84 10.10 6.26 37.32
C PRO C 84 9.25 5.96 36.08
N GLU C 85 8.51 4.83 36.10
CA GLU C 85 7.69 4.31 35.00
C GLU C 85 6.78 5.25 34.19
N GLY C 86 5.86 5.94 34.84
CA GLY C 86 4.91 6.79 34.13
C GLY C 86 5.22 8.28 34.03
N THR C 87 6.44 8.68 34.45
CA THR C 87 6.91 10.08 34.43
C THR C 87 7.04 10.60 32.99
N LEU C 88 7.02 11.93 32.82
CA LEU C 88 7.19 12.60 31.52
C LEU C 88 8.55 12.24 30.91
N GLY C 89 9.60 12.26 31.74
CA GLY C 89 10.96 11.93 31.34
C GLY C 89 11.09 10.55 30.74
N HIS C 90 10.62 9.53 31.46
CA HIS C 90 10.65 8.12 31.05
C HIS C 90 9.92 7.85 29.75
N VAL C 91 8.67 8.35 29.63
CA VAL C 91 7.82 8.17 28.43
C VAL C 91 8.48 8.77 27.18
N TYR C 92 8.98 10.02 27.31
CA TYR C 92 9.64 10.77 26.23
C TYR C 92 10.91 10.05 25.74
N ALA C 93 11.81 9.69 26.68
CA ALA C 93 13.06 9.00 26.40
C ALA C 93 12.83 7.62 25.76
N ARG C 94 11.89 6.81 26.30
CA ARG C 94 11.57 5.47 25.78
C ARG C 94 11.14 5.52 24.31
N GLU C 95 10.33 6.52 23.94
CA GLU C 95 9.89 6.67 22.54
C GLU C 95 10.88 7.44 21.62
N LYS C 97 14.27 6.81 21.85
CA LYS C 97 15.20 5.70 21.58
C LYS C 97 14.59 4.77 20.53
N ALA C 98 13.25 4.68 20.50
CA ALA C 98 12.49 3.86 19.55
C ALA C 98 12.40 4.54 18.18
N ARG C 99 12.47 5.89 18.13
CA ARG C 99 12.40 6.68 16.90
C ARG C 99 13.64 7.55 16.69
N PHE C 105 18.91 18.39 17.78
CA PHE C 105 17.75 17.65 17.29
C PHE C 105 16.81 18.46 16.34
N TYR C 106 17.05 19.79 16.27
CA TYR C 106 16.30 20.76 15.45
C TYR C 106 17.23 21.90 14.97
N LYS C 107 16.69 22.84 14.17
CA LYS C 107 17.40 23.99 13.62
C LYS C 107 17.45 25.13 14.66
N LYS C 108 18.66 25.44 15.18
CA LYS C 108 18.88 26.49 16.17
C LYS C 108 19.08 27.87 15.52
N VAL C 109 18.44 28.90 16.10
CA VAL C 109 18.42 30.30 15.66
C VAL C 109 18.82 31.22 16.84
N PRO C 110 19.61 32.31 16.63
CA PRO C 110 19.92 33.19 17.77
C PRO C 110 18.70 34.03 18.16
N VAL C 111 18.34 34.02 19.47
CA VAL C 111 17.19 34.76 20.01
C VAL C 111 17.53 36.26 20.01
N VAL C 112 16.91 36.97 19.08
CA VAL C 112 17.15 38.37 18.78
C VAL C 112 15.95 39.27 19.10
N ASP C 113 14.73 38.71 19.09
CA ASP C 113 13.47 39.41 19.36
C ASP C 113 12.38 38.44 19.83
N ASP C 114 11.12 38.91 19.96
CA ASP C 114 9.98 38.10 20.37
C ASP C 114 9.67 36.94 19.42
N ILE C 115 9.70 37.19 18.10
CA ILE C 115 9.44 36.17 17.07
C ILE C 115 10.50 35.06 17.08
N SER C 116 11.80 35.44 17.10
CA SER C 116 12.88 34.44 17.16
C SER C 116 12.85 33.69 18.50
N TYR C 117 12.42 34.34 19.62
CA TYR C 117 12.21 33.64 20.89
C TYR C 117 11.09 32.56 20.77
N LEU C 118 9.88 32.97 20.37
CA LEU C 118 8.74 32.06 20.23
C LEU C 118 9.08 30.85 19.35
N LYS C 119 9.90 31.08 18.31
CA LYS C 119 10.35 30.04 17.40
C LYS C 119 11.19 29.03 18.17
N LEU C 121 11.34 28.67 21.64
CA LEU C 121 10.47 28.06 22.66
C LEU C 121 9.67 26.88 22.07
N TRP C 122 9.09 27.08 20.87
CA TRP C 122 8.29 26.15 20.10
C TRP C 122 9.12 24.90 19.73
N ARG C 123 10.30 25.12 19.11
CA ARG C 123 11.19 24.06 18.66
C ARG C 123 11.75 23.22 19.80
N SER C 124 12.15 23.87 20.91
CA SER C 124 12.71 23.21 22.10
C SER C 124 11.72 22.34 22.82
N THR C 125 10.43 22.74 22.81
CA THR C 125 9.40 22.08 23.59
C THR C 125 8.33 21.30 22.86
N HIS C 126 7.98 21.67 21.60
CA HIS C 126 6.87 21.02 20.88
C HIS C 126 6.87 19.47 20.75
N ASP C 127 8.03 18.84 20.78
CA ASP C 127 8.10 17.38 20.69
C ASP C 127 7.62 16.70 21.99
N ILE C 128 7.52 17.45 23.10
CA ILE C 128 7.03 16.98 24.40
C ILE C 128 5.48 17.00 24.37
N TYR C 129 4.88 18.02 23.73
CA TYR C 129 3.44 18.26 23.61
C TYR C 129 2.59 17.01 23.36
N HIS C 130 2.92 16.24 22.30
CA HIS C 130 2.16 15.05 21.92
C HIS C 130 2.04 13.98 23.03
N VAL C 131 3.06 13.84 23.93
CA VAL C 131 3.00 12.85 25.02
C VAL C 131 1.94 13.22 26.09
N VAL C 132 1.83 14.52 26.43
CA VAL C 132 0.88 15.08 27.39
C VAL C 132 -0.50 15.14 26.73
N ALA C 133 -0.58 15.68 25.50
CA ALA C 133 -1.82 15.80 24.71
C ALA C 133 -2.42 14.43 24.27
N GLY C 134 -1.57 13.41 24.14
CA GLY C 134 -1.99 12.08 23.74
C GLY C 134 -2.27 11.90 22.26
N PHE C 135 -1.26 12.18 21.41
CA PHE C 135 -1.28 12.03 19.95
C PHE C 135 -0.07 11.21 19.49
N ASP C 136 -0.21 10.46 18.38
CA ASP C 136 0.89 9.65 17.86
C ASP C 136 1.97 10.49 17.17
N THR C 137 3.14 9.90 16.95
CA THR C 137 4.28 10.55 16.29
C THR C 137 4.10 10.55 14.77
N ASN C 138 3.11 9.76 14.26
CA ASN C 138 2.77 9.67 12.84
C ASN C 138 2.19 10.98 12.29
N VAL C 139 1.95 11.05 10.96
CA VAL C 139 1.45 12.24 10.26
C VAL C 139 0.10 12.72 10.83
N PHE C 140 -0.87 11.80 11.05
CA PHE C 140 -2.20 12.17 11.57
C PHE C 140 -2.15 12.61 13.02
N GLY C 141 -1.23 12.01 13.79
CA GLY C 141 -0.97 12.36 15.19
C GLY C 141 -0.43 13.78 15.29
N GLU C 142 0.49 14.15 14.36
CA GLU C 142 1.05 15.49 14.32
C GLU C 142 0.01 16.52 13.90
N ILE C 143 -0.80 16.22 12.85
CA ILE C 143 -1.87 17.12 12.38
C ILE C 143 -2.92 17.32 13.51
N GLY C 144 -3.27 16.23 14.18
CA GLY C 144 -4.18 16.25 15.32
C GLY C 144 -3.69 17.13 16.46
N LEU C 145 -2.37 17.04 16.80
CA LEU C 145 -1.71 17.86 17.83
C LEU C 145 -1.75 19.34 17.47
N GLN C 146 -1.48 19.65 16.17
CA GLN C 146 -1.51 21.02 15.66
C GLN C 146 -2.91 21.63 15.85
N ALA C 147 -3.96 20.79 15.74
CA ALA C 147 -5.37 21.16 15.90
C ALA C 147 -5.69 21.45 17.37
N PHE C 148 -5.05 20.71 18.29
CA PHE C 148 -5.12 20.89 19.75
C PHE C 148 -4.44 22.23 20.12
N PHE C 149 -3.25 22.51 19.56
CA PHE C 149 -2.50 23.74 19.80
C PHE C 149 -3.16 25.01 19.20
N LEU C 150 -3.89 24.86 18.06
CA LEU C 150 -4.64 25.90 17.37
C LEU C 150 -5.88 26.27 18.18
N ALA C 151 -6.46 25.27 18.90
CA ALA C 151 -7.63 25.44 19.76
C ALA C 151 -7.28 26.24 21.02
N GLN C 152 -6.02 26.10 21.49
CA GLN C 152 -5.50 26.73 22.69
C GLN C 152 -4.90 28.09 22.43
N THR C 153 -3.79 28.13 21.65
CA THR C 153 -2.98 29.31 21.34
C THR C 153 -2.58 29.32 19.86
N PRO C 154 -3.38 29.94 18.97
CA PRO C 154 -3.04 29.95 17.53
C PRO C 154 -1.77 30.69 17.14
N ILE C 155 -0.89 29.97 16.40
CA ILE C 155 0.35 30.48 15.82
C ILE C 155 0.35 30.11 14.32
N PRO C 156 0.95 30.95 13.43
CA PRO C 156 0.92 30.65 11.99
C PRO C 156 1.16 29.21 11.51
N ILE C 157 2.26 28.56 11.91
CA ILE C 157 2.59 27.21 11.46
C ILE C 157 1.47 26.20 11.61
N SER C 158 0.72 26.27 12.74
CA SER C 158 -0.40 25.41 13.11
C SER C 158 -1.51 25.51 12.05
N VAL C 159 -1.86 26.74 11.67
CA VAL C 159 -2.87 27.02 10.64
C VAL C 159 -2.44 26.39 9.33
N LEU C 161 -0.05 24.06 8.66
CA LEU C 161 0.04 22.60 8.73
C LEU C 161 -1.30 21.89 8.68
N LEU C 162 -2.33 22.48 9.33
CA LEU C 162 -3.70 21.98 9.34
C LEU C 162 -4.32 21.99 7.94
N SER C 163 -4.24 23.12 7.20
CA SER C 163 -4.73 23.28 5.81
C SER C 163 -4.00 22.34 4.88
N PHE C 164 -2.66 22.31 4.98
CA PHE C 164 -1.75 21.45 4.21
C PHE C 164 -2.20 20.00 4.30
N GLY C 165 -2.31 19.47 5.53
CA GLY C 165 -2.74 18.11 5.83
C GLY C 165 -4.07 17.78 5.19
N VAL C 167 -5.63 19.27 2.59
CA VAL C 167 -5.46 19.35 1.14
C VAL C 167 -4.70 18.14 0.56
N ILE C 169 -4.12 15.10 1.92
CA ILE C 169 -4.83 13.83 2.13
C ILE C 169 -6.02 13.74 1.16
N SER C 170 -6.90 14.76 1.11
CA SER C 170 -8.03 14.74 0.19
C SER C 170 -7.59 14.63 -1.29
N LEU C 171 -6.48 15.29 -1.69
CA LEU C 171 -5.98 15.20 -3.07
C LEU C 171 -5.32 13.88 -3.40
N TYR C 172 -4.35 13.43 -2.58
CA TYR C 172 -3.52 12.25 -2.81
C TYR C 172 -3.92 10.92 -2.18
N GLN C 173 -4.55 10.97 -1.00
CA GLN C 173 -5.04 9.78 -0.30
C GLN C 173 -6.41 9.98 0.33
N PRO C 174 -7.43 10.24 -0.54
CA PRO C 174 -8.78 10.54 -0.02
C PRO C 174 -9.46 9.44 0.78
N THR C 175 -9.02 8.17 0.60
CA THR C 175 -9.55 7.02 1.35
C THR C 175 -9.21 7.12 2.85
N ASN C 176 -8.33 8.07 3.21
CA ASN C 176 -7.87 8.31 4.58
C ASN C 176 -8.33 9.67 5.14
N PHE C 177 -9.22 10.37 4.41
CA PHE C 177 -9.76 11.66 4.83
C PHE C 177 -10.63 11.56 6.10
N LYS C 178 -11.58 10.59 6.15
CA LYS C 178 -12.44 10.34 7.30
C LYS C 178 -11.60 10.25 8.61
N ALA C 179 -10.46 9.54 8.59
CA ALA C 179 -9.54 9.35 9.72
C ALA C 179 -8.79 10.64 10.09
N LEU C 180 -8.22 11.36 9.09
CA LEU C 180 -7.53 12.65 9.28
C LEU C 180 -8.48 13.56 10.02
N THR C 182 -11.07 12.82 11.85
CA THR C 182 -11.29 12.29 13.21
C THR C 182 -10.25 12.81 14.22
N GLU C 183 -8.96 12.85 13.83
CA GLU C 183 -7.88 13.37 14.65
C GLU C 183 -7.99 14.88 14.78
N ILE C 184 -8.26 15.58 13.66
CA ILE C 184 -8.39 17.02 13.63
C ILE C 184 -9.54 17.45 14.56
N SER C 185 -10.69 16.75 14.49
CA SER C 185 -11.84 17.10 15.34
C SER C 185 -11.61 16.73 16.80
N ARG C 186 -10.90 15.63 17.06
CA ARG C 186 -10.57 15.21 18.42
C ARG C 186 -9.59 16.20 19.04
N GLY C 187 -8.55 16.56 18.29
CA GLY C 187 -7.53 17.52 18.70
C GLY C 187 -8.09 18.89 19.04
N TYR C 188 -8.92 19.45 18.17
CA TYR C 188 -9.52 20.75 18.42
C TYR C 188 -10.47 20.73 19.62
N ARG C 189 -11.33 19.71 19.69
CA ARG C 189 -12.31 19.51 20.76
C ARG C 189 -11.65 19.43 22.15
N VAL C 190 -10.62 18.57 22.28
CA VAL C 190 -9.85 18.36 23.52
C VAL C 190 -9.06 19.60 23.91
N GLY C 191 -8.43 20.25 22.92
CA GLY C 191 -7.65 21.47 23.09
C GLY C 191 -8.50 22.62 23.57
N SER C 192 -9.74 22.72 23.04
CA SER C 192 -10.74 23.76 23.39
C SER C 192 -11.20 23.59 24.83
N HIS C 193 -11.15 22.36 25.35
CA HIS C 193 -11.58 22.04 26.71
C HIS C 193 -10.41 21.83 27.69
N THR C 194 -9.22 22.35 27.33
CA THR C 194 -8.01 22.30 28.16
C THR C 194 -7.62 23.77 28.51
N PRO C 195 -7.95 24.21 29.76
CA PRO C 195 -7.61 25.59 30.16
C PRO C 195 -6.10 25.84 30.29
N GLY C 196 -5.37 24.85 30.82
CA GLY C 196 -3.92 24.89 30.99
C GLY C 196 -3.22 24.82 29.65
N LYS C 197 -2.65 25.97 29.23
CA LYS C 197 -1.97 26.13 27.94
C LYS C 197 -0.66 25.35 27.91
N LEU C 198 -0.39 24.60 26.82
CA LEU C 198 0.84 23.83 26.64
C LEU C 198 2.04 24.78 26.64
N ILE C 199 1.98 25.84 25.80
CA ILE C 199 2.99 26.88 25.60
C ILE C 199 3.45 27.60 26.91
N ALA C 200 2.55 27.69 27.93
CA ALA C 200 2.77 28.33 29.22
C ALA C 200 3.60 27.52 30.24
N GLN C 201 3.82 26.22 29.99
CA GLN C 201 4.52 25.29 30.90
C GLN C 201 6.03 25.32 30.84
N LYS C 202 6.68 25.28 32.03
CA LYS C 202 8.13 25.21 32.17
C LYS C 202 8.47 23.71 32.21
N TRP C 203 8.37 23.04 31.05
CA TRP C 203 8.57 21.59 30.84
C TRP C 203 9.73 20.91 31.56
N ASP C 204 10.91 21.60 31.66
CA ASP C 204 12.10 21.04 32.33
C ASP C 204 11.89 20.73 33.81
N GLN C 205 10.83 21.32 34.42
CA GLN C 205 10.43 21.12 35.83
C GLN C 205 9.37 20.01 35.98
N LEU C 206 8.93 19.41 34.86
CA LEU C 206 7.91 18.37 34.85
C LEU C 206 8.40 16.96 34.45
N TRP C 207 9.71 16.79 34.15
CA TRP C 207 10.29 15.49 33.73
C TRP C 207 10.01 14.38 34.75
N ASP C 208 10.03 14.72 36.07
CA ASP C 208 9.85 13.81 37.21
C ASP C 208 8.38 13.69 37.69
N VAL C 209 7.44 14.29 36.92
CA VAL C 209 6.00 14.29 37.22
C VAL C 209 5.28 13.29 36.31
N GLN C 210 4.27 12.57 36.85
CA GLN C 210 3.46 11.59 36.13
C GLN C 210 2.71 12.24 35.00
N VAL C 211 2.70 11.61 33.81
CA VAL C 211 1.99 12.15 32.64
C VAL C 211 0.49 12.39 32.97
N SER C 212 -0.14 11.41 33.69
CA SER C 212 -1.52 11.46 34.14
C SER C 212 -1.75 12.67 35.05
N GLU C 213 -0.74 12.97 35.93
CA GLU C 213 -0.74 14.11 36.85
C GLU C 213 -0.65 15.42 36.07
N ILE C 214 0.23 15.49 35.03
CA ILE C 214 0.40 16.68 34.18
C ILE C 214 -0.92 16.97 33.45
N ARG C 215 -1.55 15.92 32.86
CA ARG C 215 -2.83 16.02 32.15
C ARG C 215 -3.92 16.57 33.06
N GLU C 216 -3.89 16.13 34.33
CA GLU C 216 -4.83 16.52 35.39
C GLU C 216 -4.64 17.99 35.78
N ARG C 217 -3.36 18.43 35.90
CA ARG C 217 -2.96 19.81 36.23
C ARG C 217 -3.43 20.78 35.14
N LEU C 218 -3.19 20.43 33.84
CA LEU C 218 -3.60 21.23 32.69
C LEU C 218 -5.12 21.19 32.48
N GLY C 219 -5.75 20.15 33.04
CA GLY C 219 -7.19 19.95 32.95
C GLY C 219 -7.61 19.52 31.57
N VAL C 220 -6.95 18.48 31.03
CA VAL C 220 -7.18 17.95 29.70
C VAL C 220 -8.68 17.57 29.46
N ASN C 221 -9.35 17.04 30.50
CA ASN C 221 -10.78 16.69 30.50
C ASN C 221 -11.69 17.95 30.38
N SER C 222 -11.69 18.83 31.44
CA SER C 222 -12.43 20.09 31.67
C SER C 222 -13.22 20.70 30.49
N THR D 7 -27.94 -9.13 2.38
CA THR D 7 -28.81 -9.75 3.38
C THR D 7 -28.65 -11.28 3.50
N TYR D 8 -28.08 -11.96 2.45
CA TYR D 8 -27.88 -13.42 2.39
C TYR D 8 -26.41 -13.79 2.18
N ASN D 9 -25.93 -14.88 2.83
CA ASN D 9 -24.55 -15.33 2.60
C ASN D 9 -24.53 -16.52 1.64
N ASN D 10 -24.41 -16.22 0.34
CA ASN D 10 -24.39 -17.22 -0.73
C ASN D 10 -23.04 -17.90 -0.80
N ASP D 11 -21.95 -17.19 -0.46
CA ASP D 11 -20.59 -17.75 -0.46
C ASP D 11 -20.47 -18.96 0.47
N LYS D 12 -21.23 -18.96 1.58
CA LYS D 12 -21.27 -20.07 2.53
C LYS D 12 -22.01 -21.27 1.93
N GLY D 13 -22.92 -21.01 0.99
CA GLY D 13 -23.62 -22.04 0.24
C GLY D 13 -22.61 -22.76 -0.66
N LEU D 14 -21.73 -21.99 -1.35
CA LEU D 14 -20.67 -22.55 -2.21
C LEU D 14 -19.67 -23.36 -1.38
N LEU D 15 -19.32 -22.85 -0.18
CA LEU D 15 -18.41 -23.55 0.72
C LEU D 15 -19.02 -24.88 1.17
N ALA D 16 -20.36 -24.90 1.40
CA ALA D 16 -21.11 -26.09 1.80
C ALA D 16 -21.12 -27.16 0.69
N TYR D 17 -21.21 -26.71 -0.58
CA TYR D 17 -21.21 -27.57 -1.76
C TYR D 17 -19.82 -28.18 -1.96
N ILE D 18 -18.76 -27.36 -1.80
CA ILE D 18 -17.37 -27.80 -1.90
C ILE D 18 -17.11 -28.85 -0.81
N GLN D 19 -17.63 -28.60 0.42
CA GLN D 19 -17.53 -29.50 1.56
C GLN D 19 -18.17 -30.86 1.19
N PHE D 20 -19.41 -30.80 0.65
CA PHE D 20 -20.19 -31.94 0.21
C PHE D 20 -19.48 -32.77 -0.87
N LEU D 21 -18.96 -32.12 -1.92
CA LEU D 21 -18.24 -32.80 -3.00
C LEU D 21 -17.03 -33.54 -2.43
N ALA D 22 -16.23 -32.85 -1.61
CA ALA D 22 -14.99 -33.35 -1.01
C ALA D 22 -15.19 -34.49 -0.01
N SER D 23 -16.22 -34.42 0.87
CA SER D 23 -16.48 -35.47 1.86
C SER D 23 -16.93 -36.75 1.19
N SER D 24 -17.70 -36.60 0.09
CA SER D 24 -18.21 -37.73 -0.71
C SER D 24 -17.11 -38.46 -1.47
N ALA D 25 -15.95 -37.84 -1.68
CA ALA D 25 -14.83 -38.47 -2.37
C ALA D 25 -13.95 -39.33 -1.44
N GLN D 26 -14.45 -39.70 -0.23
CA GLN D 26 -13.66 -40.51 0.73
C GLN D 26 -14.06 -41.99 0.80
N GLY D 31 -23.90 -42.13 8.62
CA GLY D 31 -22.73 -41.56 7.97
C GLY D 31 -23.09 -40.66 6.80
N ASN D 32 -23.50 -41.29 5.67
CA ASN D 32 -23.85 -40.61 4.42
C ASN D 32 -25.16 -39.80 4.50
N THR D 33 -26.08 -40.22 5.41
CA THR D 33 -27.38 -39.56 5.63
C THR D 33 -27.22 -38.17 6.26
N ASP D 34 -26.35 -38.06 7.30
CA ASP D 34 -26.07 -36.82 8.03
C ASP D 34 -25.29 -35.75 7.22
N ARG D 35 -24.56 -36.17 6.17
CA ARG D 35 -23.80 -35.27 5.30
C ARG D 35 -24.74 -34.37 4.50
N VAL D 36 -25.91 -34.93 4.10
CA VAL D 36 -26.94 -34.23 3.33
C VAL D 36 -27.69 -33.24 4.23
N PHE D 37 -27.97 -33.63 5.48
CA PHE D 37 -28.64 -32.77 6.45
C PHE D 37 -27.78 -31.53 6.78
N ASP D 38 -26.46 -31.73 7.02
CA ASP D 38 -25.51 -30.66 7.30
C ASP D 38 -25.46 -29.66 6.13
N PHE D 39 -25.51 -30.19 4.89
CA PHE D 39 -25.49 -29.41 3.64
C PHE D 39 -26.78 -28.60 3.51
N GLU D 40 -27.93 -29.28 3.65
CA GLU D 40 -29.28 -28.71 3.60
C GLU D 40 -29.37 -27.50 4.53
N ASP D 41 -28.86 -27.65 5.76
CA ASP D 41 -28.83 -26.63 6.80
C ASP D 41 -28.01 -25.41 6.37
N ALA D 42 -26.86 -25.65 5.70
CA ALA D 42 -25.97 -24.59 5.22
C ALA D 42 -26.59 -23.78 4.09
N LEU D 43 -27.62 -24.32 3.43
CA LEU D 43 -28.28 -23.62 2.32
C LEU D 43 -29.39 -22.69 2.81
N ASP D 44 -29.80 -22.80 4.10
CA ASP D 44 -30.85 -21.97 4.70
C ASP D 44 -30.53 -20.48 4.68
N GLN D 45 -29.24 -20.15 4.71
CA GLN D 45 -28.70 -18.79 4.73
C GLN D 45 -28.68 -18.13 3.34
N THR D 46 -28.81 -18.92 2.28
CA THR D 46 -28.78 -18.45 0.89
C THR D 46 -30.08 -17.74 0.46
N GLN D 47 -30.02 -17.03 -0.67
CA GLN D 47 -31.15 -16.32 -1.27
C GLN D 47 -32.15 -17.31 -1.89
N ALA D 49 -32.99 -20.18 -0.79
CA ALA D 49 -33.79 -20.76 0.30
C ALA D 49 -35.06 -19.92 0.45
N GLN D 50 -34.92 -18.60 0.55
CA GLN D 50 -36.04 -17.66 0.69
C GLN D 50 -36.93 -17.62 -0.55
N LEU D 51 -36.31 -17.60 -1.73
CA LEU D 51 -36.99 -17.57 -3.02
C LEU D 51 -37.86 -18.80 -3.22
N ALA D 52 -37.34 -20.00 -2.85
CA ALA D 52 -38.06 -21.28 -2.91
C ALA D 52 -39.34 -21.21 -2.07
N VAL D 53 -39.23 -20.65 -0.84
CA VAL D 53 -40.35 -20.46 0.07
C VAL D 53 -41.35 -19.47 -0.56
N ASP D 54 -40.85 -18.31 -1.07
CA ASP D 54 -41.67 -17.27 -1.72
C ASP D 54 -42.46 -17.81 -2.91
N GLU D 55 -41.86 -18.69 -3.71
CA GLU D 55 -42.51 -19.26 -4.89
C GLU D 55 -43.50 -20.38 -4.58
N LEU D 56 -43.21 -21.20 -3.55
CA LEU D 56 -44.08 -22.30 -3.09
C LEU D 56 -45.37 -21.72 -2.48
N LYS D 57 -45.23 -20.62 -1.70
CA LYS D 57 -46.34 -19.91 -1.07
C LYS D 57 -47.28 -19.24 -2.10
N LYS D 58 -46.86 -19.20 -3.40
CA LYS D 58 -47.64 -18.67 -4.51
C LYS D 58 -48.64 -19.71 -5.00
N ILE D 59 -48.40 -21.02 -4.70
CA ILE D 59 -49.32 -22.12 -5.02
C ILE D 59 -50.26 -22.31 -3.80
N PRO D 60 -51.60 -22.12 -4.01
CA PRO D 60 -52.56 -22.13 -2.88
C PRO D 60 -52.52 -23.28 -1.87
N GLU D 61 -52.53 -24.54 -2.37
CA GLU D 61 -52.52 -25.74 -1.52
C GLU D 61 -51.25 -25.89 -0.72
N VAL D 62 -50.13 -25.35 -1.23
CA VAL D 62 -48.82 -25.38 -0.55
C VAL D 62 -48.79 -24.31 0.57
N ASN D 63 -49.28 -23.09 0.28
CA ASN D 63 -49.35 -21.98 1.24
C ASN D 63 -50.19 -22.35 2.46
N ALA D 64 -51.25 -23.17 2.25
CA ALA D 64 -52.13 -23.64 3.31
C ALA D 64 -51.37 -24.51 4.32
N LEU D 65 -50.47 -25.39 3.82
CA LEU D 65 -49.64 -26.29 4.64
C LEU D 65 -48.67 -25.49 5.50
N PHE D 66 -48.14 -24.37 4.96
CA PHE D 66 -47.24 -23.42 5.60
C PHE D 66 -47.99 -22.69 6.72
N SER D 67 -49.23 -22.26 6.41
CA SER D 67 -50.11 -21.59 7.37
C SER D 67 -50.42 -22.54 8.55
N GLU D 68 -50.91 -23.76 8.26
CA GLU D 68 -51.25 -24.80 9.26
C GLU D 68 -50.02 -25.33 10.00
N ARG D 69 -48.86 -25.36 9.32
CA ARG D 69 -47.59 -25.97 9.74
C ARG D 69 -47.82 -27.50 9.72
N TRP D 70 -48.48 -27.98 8.64
CA TRP D 70 -48.81 -29.38 8.46
C TRP D 70 -47.60 -30.27 8.41
N LEU D 71 -47.60 -31.32 9.22
CA LEU D 71 -46.57 -32.34 9.24
C LEU D 71 -47.27 -33.69 9.38
N PRO D 72 -46.77 -34.78 8.76
CA PRO D 72 -47.50 -36.06 8.82
C PRO D 72 -47.54 -36.68 10.22
N ALA D 73 -48.71 -37.27 10.54
CA ALA D 73 -48.97 -37.96 11.81
C ALA D 73 -48.00 -39.15 11.97
N PRO D 74 -47.59 -39.51 13.21
CA PRO D 74 -46.68 -40.66 13.35
C PRO D 74 -47.38 -41.97 12.96
N PHE D 75 -46.59 -42.90 12.42
CA PHE D 75 -47.07 -44.19 11.94
C PHE D 75 -46.20 -45.34 12.45
N ASN D 76 -46.82 -46.51 12.61
CA ASN D 76 -46.10 -47.73 12.99
C ASN D 76 -45.96 -48.54 11.70
N LEU D 77 -44.71 -48.80 11.25
CA LEU D 77 -44.43 -49.54 10.01
C LEU D 77 -45.17 -50.88 9.91
N ASP D 78 -45.36 -51.58 11.05
CA ASP D 78 -46.06 -52.86 11.11
C ASP D 78 -47.55 -52.73 10.79
N ASP D 79 -48.18 -51.60 11.19
CA ASP D 79 -49.60 -51.34 10.93
C ASP D 79 -49.84 -50.95 9.47
N LEU D 80 -48.85 -50.26 8.85
CA LEU D 80 -48.88 -49.85 7.43
C LEU D 80 -48.81 -51.09 6.56
N ALA D 81 -47.93 -52.05 6.93
CA ALA D 81 -47.74 -53.32 6.23
C ALA D 81 -49.02 -54.17 6.22
N LYS D 82 -49.88 -54.00 7.25
CA LYS D 82 -51.15 -54.72 7.38
C LYS D 82 -52.28 -54.20 6.47
N LEU D 83 -52.03 -53.12 5.69
CA LEU D 83 -52.96 -52.50 4.74
C LEU D 83 -53.05 -53.31 3.43
N PRO D 84 -54.07 -53.07 2.53
CA PRO D 84 -54.17 -53.85 1.27
C PRO D 84 -52.91 -53.88 0.38
N GLU D 85 -52.83 -54.85 -0.54
CA GLU D 85 -51.70 -55.11 -1.44
C GLU D 85 -51.00 -53.95 -2.16
N GLY D 86 -51.73 -53.16 -2.94
CA GLY D 86 -51.14 -52.07 -3.71
C GLY D 86 -51.20 -50.67 -3.12
N THR D 87 -51.64 -50.54 -1.84
CA THR D 87 -51.76 -49.26 -1.14
C THR D 87 -50.40 -48.66 -0.81
N LEU D 88 -50.34 -47.32 -0.66
CA LEU D 88 -49.14 -46.56 -0.34
C LEU D 88 -48.45 -47.07 0.93
N GLY D 89 -49.24 -47.35 1.95
CA GLY D 89 -48.78 -47.88 3.24
C GLY D 89 -48.04 -49.19 3.10
N HIS D 90 -48.66 -50.17 2.43
CA HIS D 90 -48.11 -51.51 2.20
C HIS D 90 -46.80 -51.49 1.42
N VAL D 91 -46.76 -50.75 0.29
CA VAL D 91 -45.58 -50.64 -0.59
C VAL D 91 -44.38 -50.03 0.17
N TYR D 92 -44.63 -48.91 0.89
CA TYR D 92 -43.62 -48.20 1.68
C TYR D 92 -43.03 -49.07 2.78
N ALA D 93 -43.90 -49.69 3.60
CA ALA D 93 -43.52 -50.59 4.70
C ALA D 93 -42.74 -51.81 4.22
N ARG D 94 -43.21 -52.49 3.15
CA ARG D 94 -42.55 -53.68 2.58
C ARG D 94 -41.10 -53.39 2.17
N GLU D 95 -40.85 -52.21 1.56
CA GLU D 95 -39.49 -51.82 1.16
C GLU D 95 -38.66 -51.15 2.26
N LYS D 97 -38.74 -52.43 5.49
CA LYS D 97 -38.32 -53.64 6.18
C LYS D 97 -37.18 -54.32 5.42
N ALA D 98 -37.16 -54.14 4.08
CA ALA D 98 -36.11 -54.66 3.19
C ALA D 98 -34.84 -53.79 3.26
N ARG D 99 -34.99 -52.50 3.65
CA ARG D 99 -33.91 -51.52 3.80
C ARG D 99 -33.73 -51.19 5.28
N PHE D 105 -36.09 -41.37 12.21
CA PHE D 105 -35.51 -41.80 10.94
C PHE D 105 -34.68 -40.71 10.23
N TYR D 106 -34.74 -39.46 10.73
CA TYR D 106 -34.05 -38.29 10.19
C TYR D 106 -33.68 -37.28 11.32
N LYS D 107 -33.01 -36.17 10.96
CA LYS D 107 -32.57 -35.09 11.86
C LYS D 107 -33.74 -34.12 12.10
N LYS D 108 -34.27 -34.08 13.34
CA LYS D 108 -35.37 -33.20 13.73
C LYS D 108 -34.89 -31.81 14.17
N VAL D 109 -35.58 -30.75 13.70
CA VAL D 109 -35.30 -29.33 13.93
C VAL D 109 -36.58 -28.64 14.47
N PRO D 110 -36.49 -27.68 15.43
CA PRO D 110 -37.73 -27.00 15.87
C PRO D 110 -38.24 -26.03 14.81
N VAL D 111 -39.54 -26.13 14.44
CA VAL D 111 -40.18 -25.27 13.43
C VAL D 111 -40.37 -23.88 14.01
N VAL D 112 -39.53 -22.96 13.53
CA VAL D 112 -39.38 -21.60 14.01
C VAL D 112 -39.81 -20.53 12.97
N ASP D 113 -39.74 -20.89 11.66
CA ASP D 113 -40.09 -20.01 10.55
C ASP D 113 -40.46 -20.80 9.30
N ASP D 114 -40.63 -20.12 8.15
CA ASP D 114 -40.98 -20.74 6.85
C ASP D 114 -39.91 -21.72 6.35
N ILE D 115 -38.62 -21.34 6.45
CA ILE D 115 -37.47 -22.15 6.01
C ILE D 115 -37.33 -23.44 6.86
N SER D 116 -37.39 -23.31 8.22
CA SER D 116 -37.35 -24.48 9.11
C SER D 116 -38.58 -25.37 8.93
N TYR D 117 -39.74 -24.78 8.56
CA TYR D 117 -40.94 -25.56 8.28
C TYR D 117 -40.73 -26.41 7.03
N LEU D 118 -40.35 -25.76 5.90
CA LEU D 118 -40.14 -26.45 4.61
C LEU D 118 -39.15 -27.59 4.74
N LYS D 119 -38.11 -27.39 5.58
CA LYS D 119 -37.08 -28.37 5.86
C LYS D 119 -37.72 -29.60 6.51
N LEU D 121 -41.11 -30.41 6.57
CA LEU D 121 -42.05 -30.97 5.60
C LEU D 121 -41.34 -31.91 4.62
N TRP D 122 -40.20 -31.47 4.10
CA TRP D 122 -39.33 -32.17 3.15
C TRP D 122 -38.79 -33.47 3.73
N ARG D 123 -38.19 -33.39 4.92
CA ARG D 123 -37.60 -34.54 5.62
C ARG D 123 -38.63 -35.59 6.03
N SER D 124 -39.80 -35.16 6.53
CA SER D 124 -40.89 -36.04 6.96
C SER D 124 -41.52 -36.81 5.82
N THR D 125 -41.56 -36.19 4.63
CA THR D 125 -42.28 -36.76 3.50
C THR D 125 -41.47 -37.26 2.32
N HIS D 126 -40.28 -36.69 2.03
CA HIS D 126 -39.52 -37.04 0.82
C HIS D 126 -39.20 -38.52 0.54
N ASP D 127 -39.12 -39.36 1.57
CA ASP D 127 -38.87 -40.79 1.37
C ASP D 127 -40.09 -41.53 0.77
N ILE D 128 -41.28 -40.91 0.81
CA ILE D 128 -42.52 -41.45 0.25
C ILE D 128 -42.53 -41.17 -1.26
N TYR D 129 -42.04 -39.97 -1.67
CA TYR D 129 -41.98 -39.46 -3.06
C TYR D 129 -41.61 -40.50 -4.12
N HIS D 130 -40.46 -41.19 -3.95
CA HIS D 130 -39.98 -42.17 -4.91
C HIS D 130 -40.96 -43.31 -5.23
N VAL D 131 -41.80 -43.74 -4.25
CA VAL D 131 -42.79 -44.82 -4.49
C VAL D 131 -43.92 -44.38 -5.45
N VAL D 132 -44.40 -43.13 -5.29
CA VAL D 132 -45.45 -42.52 -6.11
C VAL D 132 -44.85 -42.14 -7.48
N ALA D 133 -43.68 -41.46 -7.48
CA ALA D 133 -42.95 -41.03 -8.68
C ALA D 133 -42.40 -42.21 -9.53
N GLY D 134 -42.13 -43.35 -8.89
CA GLY D 134 -41.61 -44.54 -9.56
C GLY D 134 -40.13 -44.50 -9.88
N PHE D 135 -39.29 -44.31 -8.83
CA PHE D 135 -37.83 -44.29 -8.90
C PHE D 135 -37.24 -45.26 -7.87
N ASP D 136 -36.09 -45.87 -8.17
CA ASP D 136 -35.46 -46.80 -7.24
C ASP D 136 -34.81 -46.11 -6.03
N THR D 137 -34.49 -46.90 -4.99
CA THR D 137 -33.84 -46.41 -3.77
C THR D 137 -32.34 -46.24 -3.97
N ASN D 138 -31.80 -46.78 -5.10
CA ASN D 138 -30.39 -46.65 -5.47
C ASN D 138 -30.00 -45.20 -5.81
N VAL D 139 -28.69 -44.96 -6.06
CA VAL D 139 -28.10 -43.66 -6.36
C VAL D 139 -28.79 -42.96 -7.56
N PHE D 140 -28.97 -43.70 -8.69
CA PHE D 140 -29.58 -43.17 -9.92
C PHE D 140 -31.04 -42.86 -9.73
N GLY D 141 -31.72 -43.70 -8.95
CA GLY D 141 -33.12 -43.53 -8.59
C GLY D 141 -33.34 -42.26 -7.80
N GLU D 142 -32.42 -41.99 -6.85
CA GLU D 142 -32.49 -40.78 -6.04
C GLU D 142 -32.22 -39.52 -6.88
N ILE D 143 -31.21 -39.57 -7.81
CA ILE D 143 -30.91 -38.44 -8.73
C ILE D 143 -32.10 -38.24 -9.73
N GLY D 144 -32.71 -39.35 -10.16
CA GLY D 144 -33.88 -39.31 -11.02
C GLY D 144 -35.02 -38.58 -10.34
N LEU D 145 -35.26 -38.92 -9.05
CA LEU D 145 -36.32 -38.31 -8.24
C LEU D 145 -36.11 -36.82 -8.03
N GLN D 146 -34.84 -36.40 -7.77
CA GLN D 146 -34.52 -34.99 -7.61
C GLN D 146 -34.89 -34.19 -8.86
N ALA D 147 -34.59 -34.73 -10.07
CA ALA D 147 -34.92 -34.15 -11.37
C ALA D 147 -36.43 -34.01 -11.56
N PHE D 148 -37.22 -34.94 -11.00
CA PHE D 148 -38.68 -34.92 -11.03
C PHE D 148 -39.19 -33.77 -10.13
N PHE D 149 -38.62 -33.68 -8.91
CA PHE D 149 -38.97 -32.64 -7.95
C PHE D 149 -38.62 -31.26 -8.49
N LEU D 150 -37.38 -31.09 -9.00
CA LEU D 150 -36.90 -29.83 -9.58
C LEU D 150 -37.81 -29.33 -10.74
N ALA D 151 -38.36 -30.27 -11.53
CA ALA D 151 -39.26 -29.98 -12.64
C ALA D 151 -40.60 -29.42 -12.13
N GLN D 152 -41.03 -29.85 -10.94
CA GLN D 152 -42.29 -29.48 -10.29
C GLN D 152 -42.18 -28.22 -9.44
N THR D 153 -41.38 -28.31 -8.35
CA THR D 153 -41.19 -27.27 -7.34
C THR D 153 -39.71 -27.15 -6.96
N PRO D 154 -38.92 -26.28 -7.65
CA PRO D 154 -37.48 -26.17 -7.32
C PRO D 154 -37.14 -25.61 -5.93
N ILE D 155 -36.32 -26.38 -5.19
CA ILE D 155 -35.79 -26.02 -3.87
C ILE D 155 -34.27 -26.21 -3.90
N PRO D 156 -33.47 -25.40 -3.15
CA PRO D 156 -31.99 -25.53 -3.24
C PRO D 156 -31.34 -26.91 -3.25
N ILE D 157 -31.68 -27.80 -2.28
CA ILE D 157 -31.09 -29.15 -2.16
C ILE D 157 -31.19 -30.00 -3.42
N SER D 158 -32.34 -29.90 -4.13
CA SER D 158 -32.61 -30.60 -5.38
C SER D 158 -31.65 -30.19 -6.51
N VAL D 159 -31.33 -28.89 -6.63
CA VAL D 159 -30.37 -28.32 -7.60
C VAL D 159 -28.96 -28.83 -7.30
N LEU D 161 -28.03 -31.44 -5.33
CA LEU D 161 -27.95 -32.90 -5.50
C LEU D 161 -27.89 -33.38 -6.95
N LEU D 162 -28.49 -32.63 -7.89
CA LEU D 162 -28.46 -32.94 -9.32
C LEU D 162 -27.06 -32.71 -9.85
N SER D 163 -26.49 -31.48 -9.61
CA SER D 163 -25.11 -31.09 -10.02
C SER D 163 -24.10 -32.08 -9.45
N PHE D 164 -24.22 -32.34 -8.14
CA PHE D 164 -23.39 -33.28 -7.38
C PHE D 164 -23.41 -34.66 -8.07
N GLY D 165 -24.62 -35.16 -8.34
CA GLY D 165 -24.83 -36.44 -9.00
C GLY D 165 -24.06 -36.52 -10.29
N VAL D 167 -21.58 -34.68 -11.51
CA VAL D 167 -20.12 -34.54 -11.26
C VAL D 167 -19.49 -35.82 -10.69
N ILE D 169 -20.69 -39.01 -10.69
CA ILE D 169 -20.79 -40.14 -11.62
C ILE D 169 -19.78 -39.98 -12.75
N SER D 170 -19.76 -38.82 -13.43
CA SER D 170 -18.80 -38.60 -14.51
C SER D 170 -17.33 -38.67 -14.04
N LEU D 171 -17.03 -38.20 -12.82
CA LEU D 171 -15.66 -38.28 -12.29
C LEU D 171 -15.27 -39.69 -11.84
N TYR D 172 -16.09 -40.32 -10.97
CA TYR D 172 -15.79 -41.61 -10.36
C TYR D 172 -16.34 -42.89 -10.99
N GLN D 173 -17.46 -42.83 -11.69
CA GLN D 173 -18.02 -44.00 -12.37
C GLN D 173 -18.59 -43.60 -13.75
N PRO D 174 -17.72 -43.07 -14.66
CA PRO D 174 -18.22 -42.59 -15.95
C PRO D 174 -18.88 -43.63 -16.85
N THR D 175 -18.61 -44.93 -16.63
CA THR D 175 -19.24 -46.02 -17.40
C THR D 175 -20.75 -46.10 -17.17
N ASN D 176 -21.25 -45.38 -16.16
CA ASN D 176 -22.65 -45.32 -15.76
C ASN D 176 -23.29 -43.95 -15.99
N PHE D 177 -22.59 -43.06 -16.73
CA PHE D 177 -23.08 -41.70 -17.02
C PHE D 177 -24.34 -41.70 -17.92
N LYS D 178 -24.35 -42.52 -18.99
CA LYS D 178 -25.50 -42.65 -19.90
C LYS D 178 -26.77 -43.05 -19.11
N ALA D 179 -26.60 -44.01 -18.18
CA ALA D 179 -27.66 -44.51 -17.31
C ALA D 179 -28.15 -43.37 -16.43
N LEU D 180 -27.21 -42.59 -15.82
CA LEU D 180 -27.55 -41.44 -14.98
C LEU D 180 -28.34 -40.40 -15.77
N THR D 182 -30.16 -40.91 -18.38
CA THR D 182 -31.44 -41.54 -18.74
C THR D 182 -32.47 -41.32 -17.63
N GLU D 183 -32.04 -41.43 -16.36
CA GLU D 183 -32.89 -41.21 -15.18
C GLU D 183 -33.19 -39.72 -14.99
N ILE D 184 -32.17 -38.86 -15.16
CA ILE D 184 -32.33 -37.41 -15.02
C ILE D 184 -33.34 -36.87 -16.01
N SER D 185 -33.17 -37.23 -17.31
CA SER D 185 -34.08 -36.77 -18.35
C SER D 185 -35.49 -37.31 -18.15
N ARG D 186 -35.65 -38.61 -17.82
CA ARG D 186 -36.94 -39.25 -17.55
C ARG D 186 -37.62 -38.55 -16.38
N GLY D 187 -36.86 -38.33 -15.31
CA GLY D 187 -37.33 -37.67 -14.10
C GLY D 187 -37.90 -36.30 -14.38
N TYR D 188 -37.10 -35.43 -15.04
CA TYR D 188 -37.50 -34.06 -15.38
C TYR D 188 -38.72 -34.02 -16.33
N ARG D 189 -38.71 -34.86 -17.36
CA ARG D 189 -39.76 -34.98 -18.37
C ARG D 189 -41.12 -35.35 -17.71
N VAL D 190 -41.13 -36.40 -16.86
CA VAL D 190 -42.30 -36.89 -16.15
C VAL D 190 -42.81 -35.87 -15.12
N GLY D 191 -41.87 -35.25 -14.39
CA GLY D 191 -42.15 -34.23 -13.39
C GLY D 191 -42.79 -32.99 -14.01
N SER D 192 -42.30 -32.59 -15.21
CA SER D 192 -42.80 -31.46 -16.00
C SER D 192 -44.21 -31.68 -16.48
N HIS D 193 -44.60 -32.95 -16.64
CA HIS D 193 -45.93 -33.34 -17.10
C HIS D 193 -46.84 -33.87 -15.99
N THR D 194 -46.50 -33.55 -14.72
CA THR D 194 -47.26 -33.92 -13.55
C THR D 194 -47.78 -32.61 -12.88
N PRO D 195 -49.08 -32.25 -13.11
CA PRO D 195 -49.63 -31.02 -12.52
C PRO D 195 -49.73 -31.06 -10.99
N GLY D 196 -50.12 -32.22 -10.45
CA GLY D 196 -50.26 -32.47 -9.02
C GLY D 196 -48.91 -32.50 -8.36
N LYS D 197 -48.61 -31.44 -7.60
CA LYS D 197 -47.32 -31.28 -6.90
C LYS D 197 -47.20 -32.27 -5.76
N LEU D 198 -46.04 -32.94 -5.64
CA LEU D 198 -45.73 -33.89 -4.57
C LEU D 198 -45.81 -33.19 -3.22
N ILE D 199 -45.09 -32.04 -3.09
CA ILE D 199 -45.00 -31.18 -1.90
C ILE D 199 -46.35 -30.71 -1.32
N ALA D 200 -47.39 -30.57 -2.18
CA ALA D 200 -48.75 -30.14 -1.83
C ALA D 200 -49.66 -31.20 -1.17
N GLN D 201 -49.25 -32.49 -1.20
CA GLN D 201 -50.01 -33.62 -0.65
C GLN D 201 -49.90 -33.85 0.85
N LYS D 202 -51.06 -34.14 1.48
CA LYS D 202 -51.15 -34.49 2.90
C LYS D 202 -51.02 -36.03 2.98
N TRP D 203 -49.80 -36.52 2.74
CA TRP D 203 -49.41 -37.94 2.67
C TRP D 203 -50.02 -38.89 3.71
N ASP D 204 -50.14 -38.46 4.98
CA ASP D 204 -50.71 -39.28 6.06
C ASP D 204 -52.17 -39.73 5.81
N GLN D 205 -52.87 -39.03 4.89
CA GLN D 205 -54.26 -39.32 4.47
C GLN D 205 -54.32 -40.25 3.23
N LEU D 206 -53.15 -40.60 2.67
CA LEU D 206 -53.05 -41.43 1.46
C LEU D 206 -52.49 -42.85 1.69
N TRP D 207 -52.11 -43.22 2.94
CA TRP D 207 -51.56 -44.54 3.26
C TRP D 207 -52.46 -45.70 2.80
N ASP D 208 -53.79 -45.52 2.91
CA ASP D 208 -54.83 -46.50 2.56
C ASP D 208 -55.33 -46.41 1.11
N VAL D 209 -54.68 -45.57 0.28
CA VAL D 209 -55.03 -45.35 -1.13
C VAL D 209 -54.02 -46.10 -2.02
N GLN D 210 -54.52 -46.75 -3.09
CA GLN D 210 -53.68 -47.45 -4.08
C GLN D 210 -52.64 -46.49 -4.69
N VAL D 211 -51.40 -46.96 -4.96
CA VAL D 211 -50.32 -46.15 -5.56
C VAL D 211 -50.72 -45.69 -6.98
N SER D 212 -51.33 -46.60 -7.77
CA SER D 212 -51.81 -46.34 -9.13
C SER D 212 -52.86 -45.22 -9.11
N GLU D 213 -53.74 -45.23 -8.08
CA GLU D 213 -54.80 -44.23 -7.83
C GLU D 213 -54.16 -42.86 -7.50
N ILE D 214 -53.11 -42.84 -6.63
CA ILE D 214 -52.40 -41.62 -6.26
C ILE D 214 -51.75 -41.01 -7.51
N ARG D 215 -51.05 -41.84 -8.32
CA ARG D 215 -50.39 -41.43 -9.57
C ARG D 215 -51.41 -40.82 -10.54
N GLU D 216 -52.63 -41.39 -10.58
CA GLU D 216 -53.74 -40.95 -11.42
C GLU D 216 -54.29 -39.61 -10.94
N ARG D 217 -54.41 -39.42 -9.59
CA ARG D 217 -54.88 -38.18 -8.96
C ARG D 217 -53.91 -37.03 -9.26
N LEU D 218 -52.59 -37.28 -9.10
CA LEU D 218 -51.53 -36.29 -9.37
C LEU D 218 -51.36 -36.04 -10.88
N GLY D 219 -51.83 -36.98 -11.68
CA GLY D 219 -51.76 -36.91 -13.14
C GLY D 219 -50.34 -37.10 -13.64
N VAL D 220 -49.70 -38.18 -13.20
CA VAL D 220 -48.33 -38.51 -13.56
C VAL D 220 -48.10 -38.56 -15.10
N ASN D 221 -49.11 -39.06 -15.85
CA ASN D 221 -49.13 -39.13 -17.32
C ASN D 221 -49.19 -37.71 -17.97
N SER D 222 -50.32 -36.97 -17.79
CA SER D 222 -50.70 -35.62 -18.26
C SER D 222 -49.60 -34.75 -18.91
#